data_3UCC
#
_entry.id   3UCC
#
_cell.length_a   114.785
_cell.length_b   119.677
_cell.length_c   68.001
_cell.angle_alpha   90.000
_cell.angle_beta   90.000
_cell.angle_gamma   90.000
#
_symmetry.space_group_name_H-M   'P 21 21 2'
#
loop_
_entity.id
_entity.type
_entity.pdbx_description
1 polymer Gamma-enolase
2 non-polymer 'MAGNESIUM ION'
3 non-polymer '2-PHOSPHOGLYCERIC ACID'
4 non-polymer 2-AMINO-2-HYDROXYMETHYL-PROPANE-1,3-DIOL
5 water water
#
_entity_poly.entity_id   1
_entity_poly.type   'polypeptide(L)'
_entity_poly.pdbx_seq_one_letter_code
;SIQKIWAREILDSRGNPTVEVDLYTAKGLFRAAVPSGASTGIYEALELRDGDKQRYLGKGVLKAVDHINSTIAPALISSG
LSVVEQEKLDNLMLELDGTENKSKFGANAILGVSLAVCKAGAAERELPLYRHIAQLAGNSDLILPVPAFNVINGGSHAGN
KLAMQEFMILPVGAESFRDAMRLGAEVYHTLKGVIKDKYGKDATNVGDEGGFAPNILENSEALELVKEAIDKAGYTEKIV
IGMDVAASEFYRDGKYDLDFKSPTDPSRYITGDQLGALYQDFVRDYPVVSIEDPFDQDDWAAWSKFTANVGIQIVGDDLT
VTNPKRIERAVEEKACNCLLLKVNQIGSVTEAIQACKLAQENGWGVMVSHRSGETEDTFIADLVVGLCTGQIKTGAPCRS
ERLAKYNQLMRIEEELGDEARFAGHNFRNPSVLHHHHHH
;
_entity_poly.pdbx_strand_id   A,B
#
# COMPACT_ATOMS: atom_id res chain seq x y z
N SER A 1 -13.51 -27.26 -14.17
CA SER A 1 -12.04 -27.31 -14.19
C SER A 1 -11.48 -25.96 -14.66
N ILE A 2 -10.20 -25.96 -14.98
CA ILE A 2 -9.55 -24.68 -15.32
C ILE A 2 -9.67 -24.40 -16.79
N GLN A 3 -10.12 -23.20 -17.16
CA GLN A 3 -10.26 -22.83 -18.55
C GLN A 3 -9.01 -22.19 -19.12
N LYS A 4 -8.33 -21.35 -18.33
CA LYS A 4 -7.25 -20.58 -18.84
C LYS A 4 -6.47 -20.03 -17.64
N ILE A 5 -5.16 -19.95 -17.80
CA ILE A 5 -4.30 -19.33 -16.79
C ILE A 5 -3.35 -18.36 -17.44
N TRP A 6 -3.31 -17.11 -16.93
CA TRP A 6 -2.41 -16.09 -17.49
C TRP A 6 -1.72 -15.32 -16.40
N ALA A 7 -0.40 -15.40 -16.39
CA ALA A 7 0.53 -14.70 -15.47
C ALA A 7 1.13 -13.48 -16.08
N ARG A 8 1.41 -12.54 -15.19
CA ARG A 8 2.07 -11.33 -15.61
C ARG A 8 2.97 -10.82 -14.49
N GLU A 9 3.83 -9.89 -14.85
CA GLU A 9 4.69 -9.25 -13.89
C GLU A 9 4.00 -8.00 -13.38
N ILE A 10 3.91 -7.83 -12.05
CA ILE A 10 3.35 -6.57 -11.44
C ILE A 10 4.46 -6.08 -10.52
N LEU A 11 4.29 -4.86 -9.94
CA LEU A 11 5.28 -4.43 -8.95
C LEU A 11 4.74 -4.58 -7.50
N ASP A 12 5.65 -4.97 -6.63
CA ASP A 12 5.35 -5.15 -5.20
C ASP A 12 5.54 -3.82 -4.48
N SER A 13 5.33 -3.83 -3.16
CA SER A 13 5.28 -2.60 -2.40
C SER A 13 6.58 -1.86 -2.29
N ARG A 14 7.69 -2.48 -2.72
CA ARG A 14 9.03 -1.84 -2.71
C ARG A 14 9.39 -1.48 -4.16
N GLY A 15 8.52 -1.76 -5.09
CA GLY A 15 8.81 -1.43 -6.51
C GLY A 15 9.59 -2.44 -7.25
N ASN A 16 9.60 -3.66 -6.75
CA ASN A 16 10.26 -4.78 -7.42
C ASN A 16 9.25 -5.65 -8.08
N PRO A 17 9.62 -6.26 -9.22
CA PRO A 17 8.67 -7.16 -9.93
C PRO A 17 8.27 -8.35 -9.13
N THR A 18 7.02 -8.79 -9.32
CA THR A 18 6.63 -10.07 -8.74
C THR A 18 5.58 -10.67 -9.63
N VAL A 19 5.20 -11.90 -9.30
CA VAL A 19 4.27 -12.69 -10.10
C VAL A 19 2.81 -12.42 -9.71
N GLU A 20 1.98 -12.22 -10.71
CA GLU A 20 0.55 -12.22 -10.52
C GLU A 20 -0.11 -13.23 -11.47
N VAL A 21 -1.10 -13.97 -10.99
CA VAL A 21 -1.74 -14.96 -11.82
C VAL A 21 -3.22 -14.73 -11.94
N ASP A 22 -3.75 -14.83 -13.17
CA ASP A 22 -5.17 -14.80 -13.44
C ASP A 22 -5.55 -16.22 -13.84
N LEU A 23 -6.55 -16.72 -13.13
CA LEU A 23 -7.04 -18.08 -13.41
C LEU A 23 -8.50 -18.01 -13.69
N TYR A 24 -8.91 -18.59 -14.84
CA TYR A 24 -10.31 -18.55 -15.24
C TYR A 24 -10.97 -19.88 -15.15
N THR A 25 -12.21 -19.84 -14.65
CA THR A 25 -13.08 -21.05 -14.63
C THR A 25 -14.42 -20.61 -15.16
N ALA A 26 -15.32 -21.55 -15.31
CA ALA A 26 -16.64 -21.13 -15.65
C ALA A 26 -17.25 -20.14 -14.62
N LYS A 27 -16.71 -20.06 -13.39
CA LYS A 27 -17.21 -19.06 -12.45
C LYS A 27 -16.58 -17.70 -12.58
N GLY A 28 -15.61 -17.55 -13.46
CA GLY A 28 -15.04 -16.24 -13.69
C GLY A 28 -13.51 -16.15 -13.54
N LEU A 29 -13.04 -14.93 -13.23
CA LEU A 29 -11.61 -14.63 -13.04
C LEU A 29 -11.17 -14.65 -11.58
N PHE A 30 -10.09 -15.36 -11.27
CA PHE A 30 -9.56 -15.38 -9.88
C PHE A 30 -8.10 -14.94 -9.99
N ARG A 31 -7.71 -13.98 -9.16
CA ARG A 31 -6.41 -13.36 -9.33
C ARG A 31 -5.64 -13.39 -8.01
N ALA A 32 -4.32 -13.78 -8.05
CA ALA A 32 -3.51 -13.78 -6.85
C ALA A 32 -2.15 -13.25 -7.23
N ALA A 33 -1.46 -12.64 -6.27
CA ALA A 33 -0.08 -12.25 -6.39
C ALA A 33 0.83 -12.78 -5.28
N VAL A 34 2.12 -12.78 -5.57
CA VAL A 34 3.12 -13.43 -4.74
C VAL A 34 4.01 -12.39 -4.03
N PRO A 35 4.12 -12.48 -2.71
CA PRO A 35 4.96 -11.53 -2.00
C PRO A 35 6.45 -11.93 -2.08
N SER A 36 7.32 -11.06 -1.54
CA SER A 36 8.76 -11.27 -1.65
C SER A 36 9.50 -10.72 -0.42
N GLY A 37 10.43 -11.49 0.16
CA GLY A 37 11.07 -11.08 1.38
C GLY A 37 12.33 -10.29 1.09
N ALA A 38 12.84 -9.59 2.12
CA ALA A 38 14.13 -8.94 2.11
C ALA A 38 15.08 -9.71 3.03
N SER A 39 14.62 -9.98 4.27
CA SER A 39 15.46 -10.78 5.14
C SER A 39 15.05 -12.26 4.99
N THR A 40 15.53 -12.88 3.89
CA THR A 40 15.10 -14.21 3.46
C THR A 40 16.10 -15.28 3.95
N GLY A 41 15.57 -16.28 4.60
CA GLY A 41 16.35 -17.35 5.20
C GLY A 41 17.01 -18.16 4.09
N ILE A 42 18.20 -18.65 4.39
CA ILE A 42 18.86 -19.46 3.40
C ILE A 42 18.08 -20.73 3.04
N TYR A 43 17.13 -21.19 3.86
CA TYR A 43 16.45 -22.47 3.53
C TYR A 43 15.12 -22.25 2.86
N GLU A 44 14.79 -21.00 2.50
CA GLU A 44 13.50 -20.75 1.84
C GLU A 44 13.48 -21.36 0.44
N ALA A 45 12.33 -21.77 -0.04
CA ALA A 45 12.19 -22.25 -1.46
C ALA A 45 12.67 -21.17 -2.41
N LEU A 46 13.10 -21.56 -3.61
CA LEU A 46 13.77 -20.62 -4.55
C LEU A 46 12.80 -19.56 -5.07
N GLU A 47 13.11 -18.28 -4.90
CA GLU A 47 12.39 -17.24 -5.59
C GLU A 47 13.13 -16.92 -6.92
N LEU A 48 12.53 -17.22 -8.02
CA LEU A 48 13.27 -17.21 -9.28
C LEU A 48 13.20 -15.83 -9.88
N ARG A 49 14.36 -15.21 -10.00
CA ARG A 49 14.45 -13.90 -10.67
C ARG A 49 15.26 -14.06 -11.97
N ASP A 50 15.12 -13.13 -12.90
CA ASP A 50 15.72 -13.24 -14.25
C ASP A 50 17.22 -13.02 -14.23
N GLY A 51 17.69 -12.09 -13.41
CA GLY A 51 19.11 -11.78 -13.38
C GLY A 51 19.58 -10.96 -14.57
N ASP A 52 18.64 -10.39 -15.34
CA ASP A 52 19.01 -9.47 -16.46
C ASP A 52 19.30 -8.07 -15.92
N LYS A 53 20.60 -7.75 -15.82
CA LYS A 53 21.07 -6.50 -15.27
C LYS A 53 20.50 -5.26 -15.95
N GLN A 54 20.11 -5.32 -17.22
CA GLN A 54 19.53 -4.13 -17.83
C GLN A 54 17.99 -4.11 -17.71
N ARG A 55 17.46 -4.82 -16.70
CA ARG A 55 16.02 -4.83 -16.52
C ARG A 55 15.71 -4.94 -15.02
N TYR A 56 15.18 -3.89 -14.47
CA TYR A 56 14.84 -3.91 -13.04
C TYR A 56 16.01 -4.35 -12.14
N LEU A 57 17.22 -3.99 -12.57
CA LEU A 57 18.43 -4.21 -11.80
C LEU A 57 18.57 -5.70 -11.50
N GLY A 58 18.11 -6.55 -12.43
CA GLY A 58 18.19 -7.99 -12.32
C GLY A 58 17.04 -8.70 -11.66
N LYS A 59 15.98 -7.96 -11.35
CA LYS A 59 14.92 -8.52 -10.51
C LYS A 59 13.67 -8.89 -11.23
N GLY A 60 13.72 -8.90 -12.56
CA GLY A 60 12.51 -9.27 -13.31
C GLY A 60 12.02 -10.66 -12.94
N VAL A 61 10.76 -10.96 -13.20
CA VAL A 61 10.28 -12.35 -13.03
C VAL A 61 9.61 -12.90 -14.31
N LEU A 62 10.16 -12.50 -15.46
CA LEU A 62 9.64 -13.03 -16.73
C LEU A 62 9.86 -14.54 -16.84
N LYS A 63 10.93 -15.06 -16.30
CA LYS A 63 11.14 -16.57 -16.45
C LYS A 63 10.04 -17.30 -15.64
N ALA A 64 9.79 -16.92 -14.39
CA ALA A 64 8.73 -17.52 -13.65
C ALA A 64 7.35 -17.37 -14.42
N VAL A 65 7.07 -16.15 -14.91
CA VAL A 65 5.82 -15.91 -15.61
C VAL A 65 5.72 -16.85 -16.78
N ASP A 66 6.81 -17.04 -17.52
CA ASP A 66 6.80 -17.93 -18.69
C ASP A 66 6.62 -19.43 -18.30
N HIS A 67 7.20 -19.85 -17.18
CA HIS A 67 6.97 -21.18 -16.70
C HIS A 67 5.45 -21.43 -16.45
N ILE A 68 4.79 -20.42 -15.84
CA ILE A 68 3.38 -20.54 -15.58
C ILE A 68 2.65 -20.57 -16.91
N ASN A 69 2.91 -19.57 -17.76
CA ASN A 69 2.08 -19.47 -18.95
C ASN A 69 2.26 -20.59 -19.99
N SER A 70 3.46 -21.06 -20.09
CA SER A 70 3.79 -22.01 -21.14
C SER A 70 3.81 -23.47 -20.69
N THR A 71 4.02 -23.72 -19.39
CA THR A 71 4.21 -25.09 -18.92
C THR A 71 3.20 -25.48 -17.87
N ILE A 72 3.09 -24.66 -16.84
CA ILE A 72 2.19 -25.05 -15.78
C ILE A 72 0.75 -24.97 -16.21
N ALA A 73 0.43 -23.88 -16.89
CA ALA A 73 -0.98 -23.72 -17.39
C ALA A 73 -1.55 -24.89 -18.14
N PRO A 74 -0.87 -25.37 -19.23
CA PRO A 74 -1.51 -26.44 -20.00
C PRO A 74 -1.57 -27.71 -19.16
N ALA A 75 -0.57 -27.91 -18.29
CA ALA A 75 -0.55 -29.12 -17.41
C ALA A 75 -1.79 -29.17 -16.52
N LEU A 76 -2.16 -28.02 -15.92
CA LEU A 76 -3.32 -28.08 -15.04
C LEU A 76 -4.61 -28.16 -15.81
N ILE A 77 -4.62 -27.47 -16.96
CA ILE A 77 -5.77 -27.51 -17.85
C ILE A 77 -5.94 -28.97 -18.34
N SER A 78 -4.83 -29.61 -18.72
CA SER A 78 -4.84 -30.99 -19.18
C SER A 78 -5.34 -31.94 -18.13
N SER A 79 -5.08 -31.63 -16.86
CA SER A 79 -5.49 -32.57 -15.81
C SER A 79 -6.99 -32.73 -15.70
N GLY A 80 -7.70 -31.68 -16.07
CA GLY A 80 -9.16 -31.72 -16.01
C GLY A 80 -9.67 -31.76 -14.56
N LEU A 81 -8.76 -31.64 -13.58
CA LEU A 81 -9.17 -31.59 -12.15
C LEU A 81 -9.98 -30.32 -11.80
N SER A 82 -10.94 -30.47 -10.89
CA SER A 82 -11.69 -29.33 -10.31
C SER A 82 -10.78 -28.46 -9.50
N VAL A 83 -10.99 -27.14 -9.57
CA VAL A 83 -10.21 -26.25 -8.73
C VAL A 83 -10.42 -26.43 -7.21
N VAL A 84 -11.46 -27.15 -6.77
CA VAL A 84 -11.54 -27.53 -5.36
C VAL A 84 -10.48 -28.53 -4.94
N GLU A 85 -9.85 -29.20 -5.91
CA GLU A 85 -8.91 -30.25 -5.64
C GLU A 85 -7.50 -29.65 -5.37
N GLN A 86 -7.42 -28.79 -4.37
CA GLN A 86 -6.20 -28.04 -4.06
C GLN A 86 -4.96 -28.96 -3.92
N GLU A 87 -5.09 -30.03 -3.11
CA GLU A 87 -3.92 -30.94 -2.93
C GLU A 87 -3.47 -31.60 -4.24
N LYS A 88 -4.43 -32.09 -5.01
CA LYS A 88 -4.01 -32.80 -6.24
C LYS A 88 -3.39 -31.84 -7.25
N LEU A 89 -3.92 -30.62 -7.35
CA LEU A 89 -3.40 -29.64 -8.28
C LEU A 89 -2.02 -29.15 -7.81
N ASP A 90 -1.88 -28.86 -6.52
CA ASP A 90 -0.54 -28.55 -6.00
C ASP A 90 0.43 -29.69 -6.22
N ASN A 91 -0.01 -30.94 -5.97
CA ASN A 91 0.95 -32.07 -6.17
C ASN A 91 1.43 -32.26 -7.62
N LEU A 92 0.56 -32.03 -8.55
CA LEU A 92 0.93 -32.00 -9.94
C LEU A 92 2.03 -30.95 -10.22
N MET A 93 1.89 -29.72 -9.68
CA MET A 93 2.91 -28.74 -9.89
C MET A 93 4.24 -29.13 -9.20
N LEU A 94 4.21 -29.63 -7.98
CA LEU A 94 5.46 -30.02 -7.27
C LEU A 94 6.19 -31.11 -8.03
N GLU A 95 5.41 -32.02 -8.59
CA GLU A 95 5.99 -33.16 -9.28
C GLU A 95 6.56 -32.72 -10.60
N LEU A 96 5.84 -31.83 -11.28
CA LEU A 96 6.30 -31.32 -12.57
C LEU A 96 7.57 -30.43 -12.42
N ASP A 97 7.65 -29.72 -11.28
CA ASP A 97 8.92 -29.05 -11.00
C ASP A 97 10.00 -30.11 -10.69
N GLY A 98 9.66 -31.02 -9.78
CA GLY A 98 10.54 -32.16 -9.41
C GLY A 98 11.75 -31.95 -8.54
N THR A 99 12.03 -30.72 -8.15
CA THR A 99 13.15 -30.37 -7.31
C THR A 99 12.68 -30.13 -5.85
N GLU A 100 13.56 -30.35 -4.88
CA GLU A 100 13.15 -30.18 -3.49
C GLU A 100 12.87 -28.72 -3.18
N ASN A 101 13.61 -27.80 -3.81
CA ASN A 101 13.41 -26.39 -3.42
C ASN A 101 12.71 -25.57 -4.52
N LYS A 102 12.00 -26.21 -5.43
CA LYS A 102 11.21 -25.56 -6.48
C LYS A 102 12.10 -24.73 -7.35
N SER A 103 13.31 -25.22 -7.65
CA SER A 103 14.22 -24.36 -8.39
C SER A 103 14.14 -24.51 -9.89
N LYS A 104 13.24 -25.39 -10.38
CA LYS A 104 13.06 -25.42 -11.82
C LYS A 104 12.14 -24.29 -12.26
N PHE A 105 10.99 -24.20 -11.60
CA PHE A 105 9.97 -23.21 -11.96
C PHE A 105 10.08 -21.97 -11.08
N GLY A 106 10.62 -22.14 -9.89
CA GLY A 106 10.63 -21.12 -8.87
C GLY A 106 9.41 -21.29 -7.96
N ALA A 107 9.60 -21.05 -6.66
CA ALA A 107 8.47 -21.11 -5.76
C ALA A 107 7.46 -20.02 -6.07
N ASN A 108 8.00 -18.93 -6.68
CA ASN A 108 7.08 -17.86 -6.98
C ASN A 108 6.15 -18.20 -8.12
N ALA A 109 6.62 -19.04 -9.04
CA ALA A 109 5.69 -19.47 -10.09
C ALA A 109 4.58 -20.42 -9.53
N ILE A 110 5.04 -21.39 -8.73
CA ILE A 110 4.11 -22.41 -8.30
C ILE A 110 3.09 -21.77 -7.31
N LEU A 111 3.59 -20.97 -6.42
CA LEU A 111 2.69 -20.33 -5.45
C LEU A 111 1.61 -19.45 -6.06
N GLY A 112 1.98 -18.69 -7.10
CA GLY A 112 1.01 -17.79 -7.72
C GLY A 112 -0.16 -18.61 -8.24
N VAL A 113 0.17 -19.72 -8.89
CA VAL A 113 -0.95 -20.55 -9.30
C VAL A 113 -1.71 -21.22 -8.20
N SER A 114 -0.98 -21.72 -7.21
CA SER A 114 -1.57 -22.32 -6.06
C SER A 114 -2.57 -21.43 -5.36
N LEU A 115 -2.23 -20.15 -5.21
CA LEU A 115 -3.16 -19.18 -4.55
C LEU A 115 -4.41 -18.96 -5.42
N ALA A 116 -4.21 -18.84 -6.72
CA ALA A 116 -5.34 -18.54 -7.60
C ALA A 116 -6.30 -19.73 -7.67
N VAL A 117 -5.75 -20.95 -7.75
CA VAL A 117 -6.55 -22.15 -7.66
C VAL A 117 -7.41 -22.15 -6.41
N CYS A 118 -6.82 -21.82 -5.27
CA CYS A 118 -7.60 -21.86 -4.01
C CYS A 118 -8.73 -20.81 -4.03
N LYS A 119 -8.49 -19.62 -4.55
CA LYS A 119 -9.57 -18.67 -4.72
C LYS A 119 -10.68 -19.17 -5.66
N ALA A 120 -10.27 -19.77 -6.78
CA ALA A 120 -11.24 -20.40 -7.69
C ALA A 120 -12.02 -21.59 -7.08
N GLY A 121 -11.34 -22.33 -6.23
CA GLY A 121 -11.97 -23.50 -5.59
C GLY A 121 -13.04 -22.99 -4.62
N ALA A 122 -12.71 -21.93 -3.84
CA ALA A 122 -13.75 -21.32 -2.98
C ALA A 122 -15.04 -21.02 -3.75
N ALA A 123 -14.86 -20.38 -4.92
CA ALA A 123 -15.99 -19.99 -5.68
C ALA A 123 -16.76 -21.18 -6.19
N GLU A 124 -16.03 -22.21 -6.60
CA GLU A 124 -16.70 -23.38 -7.07
C GLU A 124 -17.53 -24.02 -5.95
N ARG A 125 -17.02 -24.04 -4.73
CA ARG A 125 -17.70 -24.57 -3.56
C ARG A 125 -18.83 -23.67 -3.10
N GLU A 126 -18.87 -22.45 -3.64
CA GLU A 126 -19.76 -21.34 -3.27
C GLU A 126 -19.64 -20.92 -1.82
N LEU A 127 -18.39 -20.69 -1.42
CA LEU A 127 -18.02 -20.42 -0.06
C LEU A 127 -17.04 -19.24 -0.07
N PRO A 128 -17.07 -18.38 0.98
CA PRO A 128 -15.96 -17.42 1.07
C PRO A 128 -14.67 -18.14 1.19
N LEU A 129 -13.58 -17.44 0.83
CA LEU A 129 -12.29 -18.07 0.79
C LEU A 129 -11.95 -18.65 2.15
N TYR A 130 -12.21 -17.85 3.22
CA TYR A 130 -11.79 -18.30 4.54
C TYR A 130 -12.41 -19.65 4.89
N ARG A 131 -13.67 -19.87 4.45
CA ARG A 131 -14.37 -21.09 4.78
C ARG A 131 -13.86 -22.26 3.94
N HIS A 132 -13.52 -21.96 2.71
CA HIS A 132 -12.93 -23.02 1.89
C HIS A 132 -11.58 -23.46 2.49
N ILE A 133 -10.79 -22.49 2.97
CA ILE A 133 -9.52 -22.78 3.55
C ILE A 133 -9.74 -23.62 4.82
N ALA A 134 -10.75 -23.24 5.63
CA ALA A 134 -11.06 -24.02 6.81
C ALA A 134 -11.35 -25.48 6.45
N GLN A 135 -12.13 -25.64 5.41
CA GLN A 135 -12.41 -27.02 4.93
C GLN A 135 -11.22 -27.83 4.42
N LEU A 136 -10.35 -27.18 3.64
CA LEU A 136 -9.05 -27.77 3.29
C LEU A 136 -8.22 -28.19 4.50
N ALA A 137 -8.33 -27.46 5.63
CA ALA A 137 -7.47 -27.72 6.75
C ALA A 137 -8.18 -28.61 7.77
N GLY A 138 -9.47 -28.85 7.53
CA GLY A 138 -10.26 -29.64 8.47
C GLY A 138 -10.67 -28.91 9.73
N ASN A 139 -10.96 -27.64 9.58
CA ASN A 139 -11.44 -26.84 10.67
C ASN A 139 -12.89 -26.48 10.45
N SER A 140 -13.64 -26.28 11.56
CA SER A 140 -15.05 -25.82 11.53
C SER A 140 -15.30 -24.47 12.25
N ASP A 141 -14.49 -24.19 13.27
CA ASP A 141 -14.69 -23.10 14.20
C ASP A 141 -13.71 -21.94 14.06
N LEU A 142 -14.09 -21.00 13.21
CA LEU A 142 -13.21 -19.94 12.79
C LEU A 142 -12.95 -18.93 13.86
N ILE A 143 -11.78 -18.30 13.78
CA ILE A 143 -11.44 -17.32 14.82
C ILE A 143 -10.71 -16.13 14.18
N LEU A 144 -11.03 -14.93 14.70
CA LEU A 144 -10.30 -13.73 14.22
C LEU A 144 -9.04 -13.62 15.05
N PRO A 145 -7.90 -13.36 14.43
CA PRO A 145 -6.65 -13.36 15.10
C PRO A 145 -6.38 -12.04 15.81
N VAL A 146 -5.47 -12.07 16.82
CA VAL A 146 -4.93 -10.75 17.26
C VAL A 146 -3.94 -10.30 16.19
N PRO A 147 -4.02 -9.03 15.72
CA PRO A 147 -3.03 -8.51 14.78
C PRO A 147 -1.79 -8.09 15.55
N ALA A 148 -0.62 -8.34 14.96
CA ALA A 148 0.64 -7.85 15.50
C ALA A 148 1.15 -6.77 14.57
N PHE A 149 1.11 -5.51 15.02
CA PHE A 149 1.40 -4.37 14.15
C PHE A 149 2.84 -4.01 14.31
N ASN A 150 3.62 -4.02 13.23
CA ASN A 150 5.05 -3.63 13.30
C ASN A 150 5.19 -2.13 13.19
N VAL A 151 5.21 -1.46 14.33
CA VAL A 151 5.14 -0.01 14.39
C VAL A 151 6.48 0.73 14.45
N ILE A 152 7.56 0.05 14.76
CA ILE A 152 8.93 0.60 14.57
C ILE A 152 9.73 -0.38 13.76
N ASN A 153 10.30 0.08 12.66
CA ASN A 153 11.01 -0.83 11.73
C ASN A 153 12.53 -0.58 11.87
N GLY A 154 13.28 -1.64 11.79
CA GLY A 154 14.77 -1.58 11.89
C GLY A 154 15.33 -2.67 10.98
N GLY A 155 16.53 -3.13 11.28
CA GLY A 155 17.16 -4.20 10.46
C GLY A 155 17.24 -3.87 9.00
N SER A 156 17.09 -4.93 8.15
CA SER A 156 17.01 -4.73 6.68
C SER A 156 15.75 -4.10 6.13
N HIS A 157 14.88 -3.56 6.99
CA HIS A 157 13.70 -2.94 6.53
C HIS A 157 13.67 -1.40 6.67
N ALA A 158 14.72 -0.83 7.25
CA ALA A 158 14.66 0.64 7.47
C ALA A 158 16.05 1.21 7.47
N GLY A 159 16.11 2.52 7.15
CA GLY A 159 17.34 3.31 7.11
C GLY A 159 17.50 3.95 8.49
N ASN A 160 18.06 3.14 9.37
CA ASN A 160 18.47 3.57 10.72
C ASN A 160 19.57 2.59 11.18
N LYS A 161 20.15 2.83 12.36
CA LYS A 161 21.10 1.91 12.90
C LYS A 161 20.47 0.69 13.56
N LEU A 162 19.25 0.86 14.06
CA LEU A 162 18.51 -0.16 14.80
C LEU A 162 18.69 -1.54 14.18
N ALA A 163 19.30 -2.48 14.91
CA ALA A 163 19.60 -3.77 14.23
C ALA A 163 18.38 -4.66 14.23
N MET A 164 17.60 -4.68 15.30
CA MET A 164 16.47 -5.62 15.32
C MET A 164 15.37 -5.12 14.34
N GLN A 165 14.71 -6.08 13.72
CA GLN A 165 13.91 -5.81 12.53
C GLN A 165 12.54 -5.24 12.83
N GLU A 166 11.81 -5.82 13.81
CA GLU A 166 10.41 -5.41 14.00
C GLU A 166 10.05 -5.30 15.48
N PHE A 167 9.35 -4.21 15.81
CA PHE A 167 8.77 -4.02 17.12
C PHE A 167 7.29 -3.89 17.00
N MET A 168 6.59 -4.88 17.52
CA MET A 168 5.18 -5.07 17.22
C MET A 168 4.29 -4.77 18.41
N ILE A 169 3.05 -4.31 18.20
CA ILE A 169 2.10 -4.20 19.32
C ILE A 169 0.93 -5.17 18.95
N LEU A 170 0.48 -5.89 19.97
CA LEU A 170 -0.55 -6.86 19.92
C LEU A 170 -1.70 -6.48 20.85
N PRO A 171 -2.85 -6.04 20.33
CA PRO A 171 -3.99 -5.67 21.19
C PRO A 171 -4.79 -6.90 21.70
N VAL A 172 -4.15 -7.66 22.55
CA VAL A 172 -4.73 -8.85 23.16
C VAL A 172 -6.04 -8.54 23.93
N GLY A 173 -6.11 -7.32 24.52
CA GLY A 173 -7.24 -6.89 25.35
C GLY A 173 -8.39 -6.23 24.58
N ALA A 174 -8.28 -6.19 23.23
CA ALA A 174 -9.36 -5.67 22.40
C ALA A 174 -10.69 -6.47 22.51
N GLU A 175 -11.82 -5.83 22.27
CA GLU A 175 -13.10 -6.54 22.34
C GLU A 175 -13.39 -7.36 21.04
N SER A 176 -12.74 -7.00 19.92
CA SER A 176 -13.06 -7.57 18.65
C SER A 176 -11.90 -7.28 17.69
N PHE A 177 -11.97 -7.78 16.46
CA PHE A 177 -10.94 -7.43 15.50
C PHE A 177 -10.98 -5.94 15.15
N ARG A 178 -12.18 -5.49 14.89
CA ARG A 178 -12.39 -4.10 14.59
C ARG A 178 -11.89 -3.15 15.71
N ASP A 179 -12.13 -3.52 16.98
CA ASP A 179 -11.55 -2.85 18.08
C ASP A 179 -10.06 -2.96 18.15
N ALA A 180 -9.48 -4.11 17.82
CA ALA A 180 -7.99 -4.20 17.78
C ALA A 180 -7.40 -3.21 16.76
N MET A 181 -8.06 -3.04 15.61
CA MET A 181 -7.61 -2.06 14.63
C MET A 181 -7.56 -0.64 15.20
N ARG A 182 -8.59 -0.32 15.99
CA ARG A 182 -8.66 1.01 16.61
C ARG A 182 -7.53 1.20 17.60
N LEU A 183 -7.34 0.23 18.46
CA LEU A 183 -6.19 0.27 19.41
C LEU A 183 -4.86 0.39 18.72
N GLY A 184 -4.64 -0.46 17.72
CA GLY A 184 -3.37 -0.40 16.96
C GLY A 184 -3.14 0.94 16.29
N ALA A 185 -4.14 1.44 15.62
CA ALA A 185 -4.00 2.71 14.92
C ALA A 185 -3.79 3.83 15.90
N GLU A 186 -4.55 3.77 16.99
CA GLU A 186 -4.41 4.89 17.95
C GLU A 186 -3.02 4.89 18.58
N VAL A 187 -2.49 3.76 18.90
CA VAL A 187 -1.16 3.74 19.44
C VAL A 187 -0.13 4.20 18.35
N TYR A 188 -0.26 3.70 17.14
CA TYR A 188 0.62 4.14 16.08
C TYR A 188 0.65 5.64 15.92
N HIS A 189 -0.52 6.30 15.89
CA HIS A 189 -0.56 7.78 15.76
C HIS A 189 0.02 8.44 16.98
N THR A 190 -0.23 7.84 18.15
CA THR A 190 0.37 8.46 19.39
C THR A 190 1.88 8.33 19.32
N LEU A 191 2.35 7.18 18.88
CA LEU A 191 3.79 6.91 18.75
C LEU A 191 4.44 7.94 17.80
N LYS A 192 3.76 8.34 16.75
CA LYS A 192 4.38 9.31 15.83
C LYS A 192 4.71 10.59 16.55
N GLY A 193 3.80 10.98 17.46
CA GLY A 193 3.98 12.19 18.35
C GLY A 193 5.07 11.99 19.36
N VAL A 194 5.14 10.82 19.96
CA VAL A 194 6.22 10.52 20.90
C VAL A 194 7.60 10.68 20.25
N ILE A 195 7.72 10.08 19.08
CA ILE A 195 8.97 10.15 18.35
C ILE A 195 9.30 11.52 17.89
N LYS A 196 8.31 12.19 17.31
CA LYS A 196 8.54 13.58 16.85
C LYS A 196 9.01 14.52 17.97
N ASP A 197 8.35 14.42 19.11
CA ASP A 197 8.69 15.23 20.28
C ASP A 197 10.13 14.98 20.71
N LYS A 198 10.54 13.71 20.69
CA LYS A 198 11.83 13.31 21.17
C LYS A 198 12.95 13.51 20.17
N TYR A 199 12.72 13.11 18.92
CA TYR A 199 13.76 13.07 17.90
C TYR A 199 13.60 14.07 16.75
N GLY A 200 12.40 14.62 16.59
CA GLY A 200 12.13 15.59 15.52
C GLY A 200 11.35 14.92 14.40
N LYS A 201 10.79 15.71 13.52
CA LYS A 201 9.96 15.27 12.38
C LYS A 201 10.71 14.29 11.46
N ASP A 202 12.03 14.41 11.33
CA ASP A 202 12.77 13.59 10.41
C ASP A 202 12.89 12.16 10.85
N ALA A 203 12.57 11.86 12.10
CA ALA A 203 12.53 10.47 12.59
C ALA A 203 11.18 9.79 12.37
N THR A 204 10.24 10.46 11.71
CA THR A 204 8.90 9.89 11.59
C THR A 204 8.51 9.44 10.20
N ASN A 205 9.47 9.34 9.29
CA ASN A 205 9.24 8.63 8.01
C ASN A 205 9.21 7.17 8.29
N VAL A 206 8.87 6.36 7.27
CA VAL A 206 8.61 4.93 7.57
C VAL A 206 9.46 4.00 6.81
N GLY A 207 9.60 2.81 7.38
CA GLY A 207 10.35 1.70 6.74
C GLY A 207 9.42 0.90 5.85
N ASP A 208 9.94 -0.24 5.42
CA ASP A 208 9.34 -1.01 4.35
C ASP A 208 7.99 -1.58 4.80
N GLU A 209 7.83 -1.76 6.12
CA GLU A 209 6.55 -2.31 6.58
C GLU A 209 5.61 -1.32 7.22
N GLY A 210 5.89 -0.03 7.05
CA GLY A 210 4.99 1.01 7.49
C GLY A 210 5.34 1.50 8.90
N GLY A 211 6.27 0.87 9.61
CA GLY A 211 6.67 1.27 10.97
C GLY A 211 7.55 2.51 10.87
N PHE A 212 7.58 3.36 11.91
CA PHE A 212 8.48 4.48 11.89
C PHE A 212 9.89 4.02 11.87
N ALA A 213 10.78 4.84 11.24
CA ALA A 213 12.17 4.49 11.19
C ALA A 213 13.04 5.57 11.89
N PRO A 214 12.86 5.73 13.21
CA PRO A 214 13.67 6.73 13.92
C PRO A 214 15.16 6.38 13.88
N ASN A 215 15.98 7.40 14.04
CA ASN A 215 17.43 7.36 13.89
C ASN A 215 18.06 6.99 15.24
N ILE A 216 17.78 5.79 15.67
CA ILE A 216 18.25 5.26 16.92
C ILE A 216 18.96 3.97 16.67
N LEU A 217 19.72 3.51 17.69
CA LEU A 217 20.56 2.32 17.59
C LEU A 217 20.09 1.31 18.60
N GLU A 218 19.69 1.78 19.77
CA GLU A 218 19.44 0.81 20.81
C GLU A 218 18.04 0.16 20.75
N ASN A 219 18.05 -1.15 20.78
CA ASN A 219 16.78 -1.87 20.66
C ASN A 219 15.90 -1.60 21.86
N SER A 220 16.50 -1.38 23.00
CA SER A 220 15.68 -1.11 24.20
C SER A 220 14.98 0.23 24.04
N GLU A 221 15.56 1.14 23.26
CA GLU A 221 14.90 2.45 23.14
C GLU A 221 13.68 2.33 22.24
N ALA A 222 13.78 1.46 21.25
CA ALA A 222 12.58 1.23 20.46
C ALA A 222 11.48 0.65 21.34
N LEU A 223 11.86 -0.32 22.21
CA LEU A 223 10.92 -0.87 23.18
C LEU A 223 10.33 0.18 24.10
N GLU A 224 11.17 1.07 24.62
CA GLU A 224 10.72 2.16 25.49
C GLU A 224 9.74 3.12 24.79
N LEU A 225 10.01 3.46 23.53
CA LEU A 225 9.09 4.28 22.75
C LEU A 225 7.73 3.63 22.55
N VAL A 226 7.75 2.35 22.21
CA VAL A 226 6.46 1.67 22.01
C VAL A 226 5.67 1.59 23.36
N LYS A 227 6.34 1.24 24.47
CA LYS A 227 5.68 1.20 25.77
C LYS A 227 5.12 2.56 26.13
N GLU A 228 5.85 3.62 25.84
CA GLU A 228 5.33 4.96 26.16
C GLU A 228 4.09 5.28 25.33
N ALA A 229 4.10 4.93 24.01
CA ALA A 229 2.94 5.21 23.19
C ALA A 229 1.72 4.44 23.66
N ILE A 230 1.93 3.16 24.03
CA ILE A 230 0.79 2.34 24.58
C ILE A 230 0.17 3.05 25.82
N ASP A 231 1.02 3.54 26.67
CA ASP A 231 0.60 4.13 27.97
C ASP A 231 -0.07 5.45 27.74
N LYS A 232 0.52 6.30 26.91
CA LYS A 232 -0.03 7.62 26.60
C LYS A 232 -1.35 7.42 25.89
N ALA A 233 -1.50 6.34 25.10
CA ALA A 233 -2.80 6.17 24.40
C ALA A 233 -3.89 5.57 25.32
N GLY A 234 -3.50 5.15 26.47
CA GLY A 234 -4.35 4.66 27.51
C GLY A 234 -4.59 3.17 27.48
N TYR A 235 -3.71 2.40 26.84
CA TYR A 235 -3.98 1.01 26.64
C TYR A 235 -3.03 0.06 27.31
N THR A 236 -2.30 0.48 28.34
CA THR A 236 -1.43 -0.38 29.02
C THR A 236 -2.02 -1.72 29.44
N GLU A 237 -3.30 -1.77 29.79
CA GLU A 237 -3.83 -3.07 30.21
C GLU A 237 -4.15 -4.04 29.07
N LYS A 238 -4.08 -3.54 27.84
CA LYS A 238 -4.76 -4.15 26.74
C LYS A 238 -3.83 -4.43 25.53
N ILE A 239 -2.62 -3.90 25.56
CA ILE A 239 -1.69 -4.11 24.41
C ILE A 239 -0.37 -4.54 24.91
N VAL A 240 0.18 -5.59 24.30
CA VAL A 240 1.47 -6.12 24.68
C VAL A 240 2.39 -6.07 23.46
N ILE A 241 3.64 -6.49 23.62
CA ILE A 241 4.69 -6.22 22.62
C ILE A 241 5.24 -7.53 22.11
N GLY A 242 5.51 -7.58 20.77
CA GLY A 242 6.25 -8.68 20.27
C GLY A 242 7.43 -8.14 19.43
N MET A 243 8.39 -9.00 19.18
CA MET A 243 9.59 -8.65 18.41
C MET A 243 9.91 -9.66 17.34
N ASP A 244 10.40 -9.16 16.20
CA ASP A 244 11.13 -10.01 15.25
C ASP A 244 12.57 -9.49 15.16
N VAL A 245 13.46 -10.26 15.75
CA VAL A 245 14.86 -9.88 15.81
C VAL A 245 15.48 -10.06 14.43
N ALA A 246 15.08 -11.15 13.77
CA ALA A 246 15.67 -11.53 12.45
C ALA A 246 17.21 -11.67 12.60
N ALA A 247 17.65 -12.41 13.62
CA ALA A 247 19.09 -12.45 14.03
C ALA A 247 20.00 -13.00 12.91
N SER A 248 19.45 -13.77 11.97
CA SER A 248 20.27 -14.34 10.86
C SER A 248 20.84 -13.20 10.03
N GLU A 249 20.22 -12.03 10.08
CA GLU A 249 20.69 -10.87 9.30
C GLU A 249 21.97 -10.26 9.88
N PHE A 250 22.23 -10.49 11.17
CA PHE A 250 23.36 -9.86 11.76
C PHE A 250 24.31 -10.83 12.46
N TYR A 251 24.12 -12.12 12.13
CA TYR A 251 25.02 -13.20 12.55
C TYR A 251 26.36 -13.10 11.80
N ARG A 252 27.48 -13.03 12.54
CA ARG A 252 28.81 -12.83 11.94
C ARG A 252 29.88 -13.68 12.60
N ASP A 253 30.35 -14.68 11.86
CA ASP A 253 31.34 -15.67 12.29
C ASP A 253 31.10 -16.25 13.68
N GLY A 254 29.87 -16.69 13.92
CA GLY A 254 29.52 -17.27 15.21
C GLY A 254 29.13 -16.24 16.24
N LYS A 255 29.13 -14.96 15.89
CA LYS A 255 28.71 -13.98 16.89
C LYS A 255 27.60 -13.08 16.32
N TYR A 256 27.17 -12.09 17.08
CA TYR A 256 26.06 -11.20 16.62
C TYR A 256 26.42 -9.71 16.64
N ASP A 257 26.08 -8.98 15.57
CA ASP A 257 26.45 -7.59 15.41
C ASP A 257 25.23 -6.69 15.50
N LEU A 258 25.02 -6.09 16.66
CA LEU A 258 23.84 -5.22 16.85
C LEU A 258 24.07 -3.81 16.27
N ASP A 259 25.14 -3.66 15.52
CA ASP A 259 25.32 -2.40 14.80
C ASP A 259 25.72 -2.74 13.35
N PHE A 260 25.09 -3.78 12.80
CA PHE A 260 25.47 -4.29 11.50
C PHE A 260 25.27 -3.35 10.32
N LYS A 261 24.60 -2.21 10.50
CA LYS A 261 24.43 -1.27 9.40
C LYS A 261 25.48 -0.21 9.39
N SER A 262 26.41 -0.33 10.33
CA SER A 262 27.52 0.61 10.38
C SER A 262 28.77 -0.12 9.90
N PRO A 263 29.80 0.61 9.44
CA PRO A 263 31.00 -0.03 8.88
C PRO A 263 31.62 -1.08 9.81
N THR A 264 32.11 -2.18 9.24
CA THR A 264 32.43 -3.43 9.98
C THR A 264 33.41 -3.19 11.11
N ASP A 265 33.17 -3.76 12.27
CA ASP A 265 34.05 -3.61 13.42
C ASP A 265 33.77 -4.73 14.41
N PRO A 266 34.49 -5.84 14.29
CA PRO A 266 34.18 -7.07 15.05
C PRO A 266 34.40 -6.89 16.52
N SER A 267 35.08 -5.82 16.91
CA SER A 267 35.22 -5.57 18.34
C SER A 267 33.87 -5.32 19.05
N ARG A 268 32.81 -4.97 18.29
CA ARG A 268 31.48 -4.74 18.91
C ARG A 268 30.55 -5.98 18.94
N TYR A 269 30.96 -7.08 18.33
CA TYR A 269 30.15 -8.28 18.25
C TYR A 269 29.90 -8.86 19.62
N ILE A 270 28.71 -9.39 19.86
CA ILE A 270 28.42 -10.06 21.14
C ILE A 270 28.18 -11.57 20.92
N THR A 271 28.27 -12.37 21.97
CA THR A 271 28.02 -13.80 21.81
C THR A 271 26.49 -14.05 21.90
N GLY A 272 26.11 -15.25 21.55
CA GLY A 272 24.75 -15.77 21.72
C GLY A 272 24.30 -15.67 23.16
N ASP A 273 25.20 -15.93 24.10
CA ASP A 273 24.83 -15.80 25.50
C ASP A 273 24.45 -14.43 25.90
N GLN A 274 25.29 -13.48 25.50
CA GLN A 274 25.03 -12.06 25.78
C GLN A 274 23.74 -11.65 25.09
N LEU A 275 23.53 -12.10 23.87
CA LEU A 275 22.26 -11.73 23.23
C LEU A 275 21.03 -12.26 24.03
N GLY A 276 21.08 -13.53 24.45
CA GLY A 276 20.09 -14.14 25.31
C GLY A 276 19.83 -13.33 26.55
N ALA A 277 20.91 -12.98 27.24
CA ALA A 277 20.82 -12.16 28.40
C ALA A 277 20.08 -10.86 28.12
N LEU A 278 20.37 -10.24 26.96
CA LEU A 278 19.63 -9.04 26.57
C LEU A 278 18.11 -9.25 26.48
N TYR A 279 17.72 -10.29 25.77
CA TYR A 279 16.31 -10.63 25.66
C TYR A 279 15.72 -10.88 27.06
N GLN A 280 16.50 -11.49 27.96
CA GLN A 280 15.94 -11.66 29.31
C GLN A 280 15.65 -10.35 29.96
N ASP A 281 16.49 -9.35 29.72
CA ASP A 281 16.24 -8.01 30.26
C ASP A 281 15.02 -7.41 29.63
N PHE A 282 14.87 -7.56 28.30
CA PHE A 282 13.70 -7.06 27.61
C PHE A 282 12.41 -7.68 28.15
N VAL A 283 12.41 -8.97 28.36
CA VAL A 283 11.19 -9.61 28.85
C VAL A 283 10.83 -9.14 30.29
N ARG A 284 11.86 -8.80 31.02
CA ARG A 284 11.54 -8.42 32.40
C ARG A 284 11.21 -6.92 32.47
N ASP A 285 11.84 -6.11 31.63
CA ASP A 285 11.51 -4.67 31.65
C ASP A 285 10.32 -4.19 30.81
N TYR A 286 9.89 -4.93 29.79
CA TYR A 286 8.79 -4.48 28.90
C TYR A 286 7.80 -5.63 28.79
N PRO A 287 6.56 -5.33 28.36
CA PRO A 287 5.57 -6.35 28.15
C PRO A 287 5.77 -7.14 26.83
N VAL A 288 6.96 -7.67 26.68
CA VAL A 288 7.27 -8.58 25.56
C VAL A 288 6.76 -9.98 25.76
N VAL A 289 5.86 -10.43 24.90
CA VAL A 289 5.25 -11.73 25.04
C VAL A 289 5.66 -12.71 23.89
N SER A 290 6.42 -12.21 22.91
CA SER A 290 6.77 -12.98 21.73
C SER A 290 8.03 -12.45 21.09
N ILE A 291 8.96 -13.38 20.79
CA ILE A 291 10.22 -13.01 20.15
C ILE A 291 10.41 -13.98 19.01
N GLU A 292 10.57 -13.40 17.80
CA GLU A 292 10.81 -14.19 16.57
C GLU A 292 12.31 -14.20 16.16
N ASP A 293 12.82 -15.35 15.70
CA ASP A 293 14.23 -15.47 15.24
C ASP A 293 15.24 -14.73 16.19
N PRO A 294 15.24 -15.06 17.47
CA PRO A 294 16.19 -14.52 18.39
C PRO A 294 17.61 -14.98 18.07
N PHE A 295 17.79 -16.06 17.30
CA PHE A 295 19.15 -16.44 16.99
C PHE A 295 19.20 -16.81 15.51
N ASP A 296 20.41 -17.05 14.98
CA ASP A 296 20.62 -17.43 13.59
C ASP A 296 19.92 -18.75 13.26
N GLN A 297 19.54 -18.86 11.99
CA GLN A 297 18.80 -20.01 11.44
C GLN A 297 19.49 -21.35 11.57
N ASP A 298 20.81 -21.36 11.74
CA ASP A 298 21.46 -22.67 12.07
C ASP A 298 21.95 -22.73 13.54
N ASP A 299 21.66 -21.74 14.42
CA ASP A 299 22.22 -21.72 15.82
C ASP A 299 21.33 -22.52 16.81
N TRP A 300 21.09 -23.79 16.52
CA TRP A 300 20.06 -24.62 17.12
C TRP A 300 20.23 -24.65 18.65
N ALA A 301 21.49 -24.72 19.09
CA ALA A 301 21.75 -24.81 20.52
C ALA A 301 21.26 -23.57 21.32
N ALA A 302 21.45 -22.42 20.74
CA ALA A 302 21.10 -21.16 21.41
C ALA A 302 19.59 -21.08 21.50
N TRP A 303 18.91 -21.52 20.41
CA TRP A 303 17.45 -21.54 20.41
C TRP A 303 16.92 -22.35 21.55
N SER A 304 17.33 -23.62 21.57
CA SER A 304 16.84 -24.55 22.52
C SER A 304 17.09 -24.08 23.95
N LYS A 305 18.25 -23.46 24.16
CA LYS A 305 18.65 -23.07 25.49
C LYS A 305 17.77 -21.96 25.90
N PHE A 306 17.57 -21.01 25.00
CA PHE A 306 16.78 -19.86 25.31
C PHE A 306 15.29 -20.21 25.55
N THR A 307 14.73 -20.99 24.65
CA THR A 307 13.35 -21.42 24.76
C THR A 307 13.08 -22.16 26.09
N ALA A 308 14.06 -22.94 26.55
CA ALA A 308 13.90 -23.66 27.81
C ALA A 308 13.93 -22.77 29.05
N ASN A 309 14.38 -21.52 28.90
CA ASN A 309 14.58 -20.57 29.96
C ASN A 309 13.58 -19.40 29.93
N VAL A 310 12.57 -19.45 29.09
CA VAL A 310 11.52 -18.42 29.16
C VAL A 310 10.12 -18.98 29.08
N GLY A 311 9.11 -18.15 29.38
CA GLY A 311 7.75 -18.59 29.39
C GLY A 311 6.96 -17.97 28.31
N ILE A 312 7.62 -17.14 27.51
CA ILE A 312 6.95 -16.47 26.41
C ILE A 312 6.95 -17.26 25.06
N GLN A 313 6.26 -16.70 24.05
CA GLN A 313 6.21 -17.30 22.73
C GLN A 313 7.53 -17.08 22.04
N ILE A 314 8.11 -18.12 21.45
CA ILE A 314 9.39 -18.03 20.73
C ILE A 314 9.06 -18.57 19.27
N VAL A 315 9.23 -17.70 18.30
CA VAL A 315 8.74 -17.91 16.94
C VAL A 315 9.86 -18.23 15.94
N GLY A 316 9.73 -19.39 15.32
CA GLY A 316 10.64 -19.82 14.24
C GLY A 316 10.19 -19.17 12.92
N ASP A 317 11.11 -18.45 12.28
CA ASP A 317 10.84 -17.90 10.91
C ASP A 317 11.90 -18.42 9.94
N ASP A 318 13.08 -17.82 9.91
CA ASP A 318 14.19 -18.37 9.13
C ASP A 318 14.61 -19.71 9.62
N LEU A 319 14.36 -19.98 10.90
CA LEU A 319 14.66 -21.27 11.44
C LEU A 319 13.91 -22.42 10.74
N THR A 320 12.61 -22.19 10.55
CA THR A 320 11.62 -23.25 10.20
C THR A 320 11.21 -23.15 8.73
N VAL A 321 11.26 -21.93 8.19
CA VAL A 321 10.91 -21.62 6.77
C VAL A 321 9.67 -22.33 6.29
N THR A 322 8.69 -22.48 7.15
CA THR A 322 7.36 -23.03 6.74
C THR A 322 7.56 -24.41 6.10
N ASN A 323 8.55 -25.17 6.63
CA ASN A 323 9.02 -26.37 5.94
C ASN A 323 8.90 -27.53 6.96
N PRO A 324 8.02 -28.48 6.69
CA PRO A 324 7.80 -29.61 7.63
C PRO A 324 9.06 -30.34 8.10
N LYS A 325 10.06 -30.46 7.22
CA LYS A 325 11.41 -31.08 7.50
C LYS A 325 12.08 -30.30 8.62
N ARG A 326 12.05 -28.98 8.53
CA ARG A 326 12.78 -28.18 9.54
C ARG A 326 11.91 -28.03 10.79
N ILE A 327 10.60 -27.99 10.58
CA ILE A 327 9.70 -27.94 11.74
C ILE A 327 9.89 -29.20 12.59
N GLU A 328 9.94 -30.36 11.95
CA GLU A 328 10.09 -31.58 12.72
C GLU A 328 11.33 -31.54 13.64
N ARG A 329 12.44 -31.08 13.10
CA ARG A 329 13.68 -30.94 13.82
C ARG A 329 13.49 -29.95 15.01
N ALA A 330 12.92 -28.78 14.71
CA ALA A 330 12.64 -27.85 15.77
C ALA A 330 11.77 -28.39 16.88
N VAL A 331 10.78 -29.21 16.53
CA VAL A 331 9.90 -29.80 17.54
C VAL A 331 10.69 -30.77 18.33
N GLU A 332 11.44 -31.63 17.68
CA GLU A 332 12.29 -32.56 18.43
C GLU A 332 13.30 -31.87 19.35
N GLU A 333 13.96 -30.83 18.87
CA GLU A 333 14.89 -30.06 19.71
C GLU A 333 14.29 -28.99 20.62
N LYS A 334 12.96 -28.81 20.59
CA LYS A 334 12.27 -27.81 21.37
C LYS A 334 12.97 -26.46 21.11
N ALA A 335 13.21 -26.16 19.85
CA ALA A 335 13.91 -24.94 19.55
C ALA A 335 13.02 -23.73 19.69
N CYS A 336 11.71 -23.92 19.48
CA CYS A 336 10.82 -22.77 19.57
C CYS A 336 9.43 -23.28 19.89
N ASN A 337 8.44 -22.41 20.01
CA ASN A 337 7.09 -22.88 20.30
C ASN A 337 5.99 -22.26 19.44
N CYS A 338 6.42 -21.62 18.36
CA CYS A 338 5.47 -21.01 17.41
C CYS A 338 6.08 -21.03 16.01
N LEU A 339 5.27 -21.33 15.04
CA LEU A 339 5.70 -21.31 13.64
C LEU A 339 5.23 -20.00 12.99
N LEU A 340 6.11 -19.31 12.32
CA LEU A 340 5.66 -18.18 11.43
C LEU A 340 5.30 -18.81 10.10
N LEU A 341 4.10 -18.59 9.64
CA LEU A 341 3.62 -19.26 8.43
C LEU A 341 3.68 -18.33 7.22
N LYS A 342 4.62 -18.58 6.33
CA LYS A 342 4.82 -17.77 5.12
C LYS A 342 4.65 -18.70 3.93
N VAL A 343 3.51 -18.61 3.25
CA VAL A 343 3.26 -19.48 2.08
C VAL A 343 4.40 -19.38 1.09
N ASN A 344 5.07 -18.24 0.94
CA ASN A 344 6.12 -18.19 -0.11
C ASN A 344 7.47 -18.79 0.37
N GLN A 345 7.58 -19.14 1.65
CA GLN A 345 8.83 -19.81 2.06
C GLN A 345 8.85 -21.26 1.59
N ILE A 346 7.67 -21.79 1.36
CA ILE A 346 7.59 -23.25 0.99
C ILE A 346 7.05 -23.39 -0.44
N GLY A 347 6.13 -22.52 -0.88
CA GLY A 347 5.81 -22.41 -2.25
C GLY A 347 4.48 -22.98 -2.70
N SER A 348 3.65 -23.48 -1.76
CA SER A 348 2.29 -23.88 -2.09
C SER A 348 1.30 -23.77 -0.92
N VAL A 349 0.02 -23.62 -1.27
CA VAL A 349 -1.00 -23.58 -0.27
C VAL A 349 -1.03 -24.88 0.50
N THR A 350 -1.05 -26.02 -0.24
CA THR A 350 -1.13 -27.30 0.42
C THR A 350 0.00 -27.47 1.41
N GLU A 351 1.24 -27.19 1.03
CA GLU A 351 2.37 -27.42 2.00
C GLU A 351 2.34 -26.44 3.17
N ALA A 352 1.93 -25.19 2.92
CA ALA A 352 1.71 -24.29 4.07
C ALA A 352 0.67 -24.77 5.03
N ILE A 353 -0.45 -25.26 4.53
CA ILE A 353 -1.45 -25.85 5.45
C ILE A 353 -0.92 -27.06 6.19
N GLN A 354 -0.21 -27.95 5.50
CA GLN A 354 0.47 -29.06 6.16
C GLN A 354 1.44 -28.57 7.25
N ALA A 355 2.22 -27.49 6.99
CA ALA A 355 3.16 -26.97 7.96
C ALA A 355 2.39 -26.48 9.18
N CYS A 356 1.27 -25.79 8.94
CA CYS A 356 0.47 -25.24 10.05
C CYS A 356 -0.04 -26.39 10.92
N LYS A 357 -0.57 -27.41 10.28
CA LYS A 357 -1.24 -28.47 11.05
C LYS A 357 -0.21 -29.24 11.85
N LEU A 358 0.98 -29.40 11.26
CA LEU A 358 2.12 -30.00 11.96
C LEU A 358 2.50 -29.25 13.21
N ALA A 359 2.59 -27.93 13.10
CA ALA A 359 2.88 -27.17 14.31
C ALA A 359 1.79 -27.29 15.34
N GLN A 360 0.55 -27.15 14.91
CA GLN A 360 -0.58 -27.20 15.81
C GLN A 360 -0.73 -28.55 16.48
N GLU A 361 -0.42 -29.61 15.75
CA GLU A 361 -0.47 -30.96 16.32
C GLU A 361 0.58 -31.15 17.39
N ASN A 362 1.63 -30.33 17.35
CA ASN A 362 2.68 -30.42 18.32
C ASN A 362 2.60 -29.41 19.48
N GLY A 363 1.45 -28.76 19.62
CA GLY A 363 1.24 -27.76 20.69
C GLY A 363 1.82 -26.38 20.42
N TRP A 364 2.35 -26.17 19.24
CA TRP A 364 2.88 -24.83 18.87
C TRP A 364 1.80 -23.84 18.49
N GLY A 365 2.07 -22.56 18.72
CA GLY A 365 1.24 -21.56 18.05
C GLY A 365 1.61 -21.43 16.60
N VAL A 366 0.82 -20.70 15.82
CA VAL A 366 1.20 -20.36 14.47
C VAL A 366 0.77 -18.91 14.21
N MET A 367 1.75 -18.14 13.70
CA MET A 367 1.43 -16.78 13.34
C MET A 367 1.57 -16.68 11.84
N VAL A 368 0.48 -16.35 11.19
CA VAL A 368 0.48 -16.14 9.73
C VAL A 368 1.18 -14.81 9.49
N SER A 369 1.87 -14.71 8.36
CA SER A 369 2.71 -13.53 8.11
C SER A 369 2.75 -13.10 6.68
N HIS A 370 2.77 -11.79 6.48
CA HIS A 370 3.19 -11.18 5.22
C HIS A 370 4.63 -11.34 4.94
N ARG A 371 5.05 -10.78 3.79
CA ARG A 371 6.50 -10.55 3.60
C ARG A 371 6.74 -9.04 3.58
N SER A 372 8.00 -8.60 3.70
CA SER A 372 8.46 -7.21 3.64
C SER A 372 8.02 -6.58 2.33
N GLY A 373 8.08 -7.34 1.27
CA GLY A 373 7.63 -7.00 -0.05
C GLY A 373 6.26 -7.57 -0.28
N GLU A 374 5.21 -6.74 -0.19
CA GLU A 374 3.86 -7.26 -0.30
C GLU A 374 3.15 -6.75 -1.54
N THR A 375 1.91 -7.15 -1.73
CA THR A 375 1.09 -6.63 -2.81
C THR A 375 -0.28 -6.31 -2.28
N GLU A 376 -1.17 -5.82 -3.14
CA GLU A 376 -2.55 -5.53 -2.80
C GLU A 376 -3.37 -6.85 -2.59
N ASP A 377 -2.72 -8.01 -2.76
CA ASP A 377 -3.39 -9.29 -2.46
C ASP A 377 -3.78 -9.41 -0.97
N THR A 378 -4.93 -10.01 -0.67
CA THR A 378 -5.32 -10.18 0.68
C THR A 378 -5.55 -11.64 1.09
N PHE A 379 -4.99 -12.59 0.34
CA PHE A 379 -5.16 -13.98 0.68
C PHE A 379 -4.85 -14.31 2.15
N ILE A 380 -3.79 -13.74 2.73
CA ILE A 380 -3.40 -14.24 4.03
C ILE A 380 -4.43 -13.85 5.11
N ALA A 381 -5.29 -12.83 4.83
CA ALA A 381 -6.39 -12.50 5.79
C ALA A 381 -7.33 -13.73 5.90
N ASP A 382 -7.71 -14.27 4.77
CA ASP A 382 -8.61 -15.39 4.73
C ASP A 382 -7.87 -16.60 5.29
N LEU A 383 -6.59 -16.73 4.97
CA LEU A 383 -5.82 -17.86 5.41
C LEU A 383 -5.76 -17.95 6.94
N VAL A 384 -5.48 -16.84 7.62
CA VAL A 384 -5.33 -16.92 9.09
C VAL A 384 -6.69 -17.25 9.77
N VAL A 385 -7.77 -16.79 9.19
CA VAL A 385 -9.09 -17.11 9.75
C VAL A 385 -9.44 -18.60 9.50
N GLY A 386 -9.23 -19.11 8.29
CA GLY A 386 -9.51 -20.51 7.97
C GLY A 386 -8.62 -21.44 8.70
N LEU A 387 -7.36 -21.09 8.95
CA LEU A 387 -6.46 -21.89 9.76
C LEU A 387 -6.67 -21.76 11.25
N CYS A 388 -7.53 -20.83 11.67
CA CYS A 388 -7.85 -20.57 13.05
C CYS A 388 -6.60 -20.34 13.97
N THR A 389 -5.54 -19.75 13.45
CA THR A 389 -4.26 -19.72 14.22
C THR A 389 -4.31 -18.71 15.38
N GLY A 390 -5.09 -17.64 15.29
CA GLY A 390 -5.22 -16.75 16.41
C GLY A 390 -4.26 -15.55 16.39
N GLN A 391 -3.32 -15.53 15.43
CA GLN A 391 -2.37 -14.42 15.30
C GLN A 391 -1.92 -14.23 13.85
N ILE A 392 -1.80 -12.94 13.48
CA ILE A 392 -1.26 -12.55 12.19
C ILE A 392 -0.37 -11.35 12.33
N LYS A 393 0.73 -11.33 11.61
CA LYS A 393 1.47 -10.10 11.52
C LYS A 393 1.45 -9.71 10.04
N THR A 394 0.96 -8.50 9.76
CA THR A 394 0.94 -8.05 8.36
C THR A 394 1.13 -6.56 8.21
N GLY A 395 1.95 -6.00 9.07
CA GLY A 395 2.44 -4.62 8.92
C GLY A 395 2.01 -3.68 10.00
N ALA A 396 2.60 -2.51 9.98
CA ALA A 396 2.00 -1.37 10.72
C ALA A 396 0.64 -1.09 10.11
N PRO A 397 -0.21 -0.31 10.80
CA PRO A 397 -1.47 0.13 10.20
C PRO A 397 -1.20 1.33 9.30
N CYS A 398 -0.32 1.12 8.33
CA CYS A 398 0.24 2.19 7.42
C CYS A 398 0.80 1.45 6.18
N ARG A 399 0.54 1.96 4.98
CA ARG A 399 0.87 1.39 3.67
C ARG A 399 -0.21 0.37 3.34
N SER A 400 -0.85 0.51 2.21
CA SER A 400 -2.08 -0.27 1.98
C SER A 400 -1.78 -1.72 1.61
N GLU A 401 -0.52 -2.05 1.32
CA GLU A 401 -0.25 -3.49 1.18
C GLU A 401 -0.43 -4.18 2.53
N ARG A 402 -0.44 -3.36 3.62
CA ARG A 402 -0.68 -3.89 4.99
C ARG A 402 -2.14 -3.69 5.31
N LEU A 403 -2.64 -2.47 5.14
CA LEU A 403 -4.07 -2.25 5.44
C LEU A 403 -5.00 -3.11 4.65
N ALA A 404 -4.60 -3.46 3.42
CA ALA A 404 -5.52 -4.28 2.65
C ALA A 404 -5.88 -5.60 3.37
N LYS A 405 -4.90 -6.18 4.05
CA LYS A 405 -5.17 -7.41 4.84
C LYS A 405 -6.04 -7.08 6.07
N TYR A 406 -5.65 -6.02 6.82
CA TYR A 406 -6.39 -5.67 8.02
C TYR A 406 -7.84 -5.28 7.68
N ASN A 407 -8.07 -4.55 6.57
CA ASN A 407 -9.44 -4.20 6.16
C ASN A 407 -10.23 -5.46 5.83
N GLN A 408 -9.53 -6.41 5.17
CA GLN A 408 -10.20 -7.67 4.81
C GLN A 408 -10.61 -8.44 6.08
N LEU A 409 -9.74 -8.43 7.06
CA LEU A 409 -10.08 -9.11 8.31
C LEU A 409 -11.28 -8.41 8.92
N MET A 410 -11.36 -7.07 8.81
CA MET A 410 -12.53 -6.44 9.37
C MET A 410 -13.77 -6.86 8.63
N ARG A 411 -13.65 -7.02 7.31
CA ARG A 411 -14.79 -7.49 6.50
C ARG A 411 -15.20 -8.93 6.84
N ILE A 412 -14.22 -9.80 7.10
CA ILE A 412 -14.50 -11.17 7.45
C ILE A 412 -15.21 -11.22 8.80
N GLU A 413 -14.78 -10.37 9.75
CA GLU A 413 -15.44 -10.25 11.05
C GLU A 413 -16.87 -9.88 10.87
N GLU A 414 -17.10 -8.91 10.02
CA GLU A 414 -18.48 -8.46 9.78
C GLU A 414 -19.33 -9.60 9.19
N GLU A 415 -18.77 -10.34 8.24
CA GLU A 415 -19.49 -11.42 7.58
C GLU A 415 -19.89 -12.55 8.54
N LEU A 416 -19.03 -12.78 9.55
CA LEU A 416 -19.20 -13.89 10.45
C LEU A 416 -20.27 -13.61 11.49
N GLY A 417 -20.47 -12.35 11.81
CA GLY A 417 -21.56 -11.93 12.69
C GLY A 417 -21.34 -12.25 14.16
N ASP A 418 -22.39 -12.62 14.87
CA ASP A 418 -22.29 -12.93 16.33
C ASP A 418 -21.60 -14.31 16.46
N GLU A 419 -21.27 -14.92 15.34
CA GLU A 419 -20.39 -16.09 15.38
C GLU A 419 -18.88 -15.71 15.11
N ALA A 420 -18.58 -14.41 14.99
CA ALA A 420 -17.16 -13.98 15.04
C ALA A 420 -16.61 -14.13 16.47
N ARG A 421 -15.53 -14.92 16.64
CA ARG A 421 -14.81 -15.03 17.95
C ARG A 421 -13.42 -14.44 17.70
N PHE A 422 -12.99 -13.59 18.60
CA PHE A 422 -11.68 -12.95 18.61
C PHE A 422 -10.76 -13.69 19.57
N ALA A 423 -9.52 -13.96 19.13
CA ALA A 423 -8.57 -14.71 19.91
C ALA A 423 -8.11 -14.13 21.22
N GLY A 424 -8.05 -12.83 21.26
CA GLY A 424 -7.67 -12.07 22.46
C GLY A 424 -6.46 -12.60 23.16
N HIS A 425 -6.63 -12.87 24.49
CA HIS A 425 -5.50 -13.41 25.23
C HIS A 425 -5.16 -14.87 24.93
N ASN A 426 -6.04 -15.55 24.17
CA ASN A 426 -5.73 -16.89 23.68
C ASN A 426 -5.07 -16.93 22.31
N PHE A 427 -4.43 -15.83 21.94
CA PHE A 427 -3.75 -15.82 20.61
C PHE A 427 -2.78 -16.97 20.40
N ARG A 428 -2.16 -17.50 21.45
CA ARG A 428 -1.28 -18.64 21.26
C ARG A 428 -2.00 -19.97 20.97
N ASN A 429 -3.22 -20.13 21.49
CA ASN A 429 -3.95 -21.37 21.47
C ASN A 429 -5.46 -21.10 21.44
N PRO A 430 -6.00 -20.60 20.32
CA PRO A 430 -7.37 -20.17 20.37
C PRO A 430 -8.40 -21.30 20.25
N SER A 431 -7.95 -22.53 20.11
CA SER A 431 -8.93 -23.66 19.97
C SER A 431 -9.82 -23.85 21.22
N VAL A 432 -9.43 -23.27 22.35
CA VAL A 432 -10.19 -23.34 23.57
C VAL A 432 -11.45 -22.48 23.62
N LEU A 433 -11.59 -21.48 22.73
CA LEU A 433 -12.79 -20.66 22.66
C LEU A 433 -13.84 -21.32 21.78
N SER B 1 -31.69 -2.55 -10.98
CA SER B 1 -31.53 -1.55 -9.91
C SER B 1 -30.69 -2.10 -8.75
N ILE B 2 -30.52 -1.24 -7.77
CA ILE B 2 -29.66 -1.47 -6.68
C ILE B 2 -30.45 -2.30 -5.63
N GLN B 3 -29.86 -3.40 -5.17
CA GLN B 3 -30.50 -4.30 -4.20
C GLN B 3 -30.15 -3.93 -2.77
N LYS B 4 -28.92 -3.44 -2.55
CA LYS B 4 -28.45 -3.16 -1.22
C LYS B 4 -27.19 -2.28 -1.26
N ILE B 5 -27.08 -1.35 -0.30
CA ILE B 5 -25.88 -0.59 -0.17
C ILE B 5 -25.45 -0.70 1.26
N TRP B 6 -24.15 -0.95 1.53
CA TRP B 6 -23.68 -1.09 2.88
C TRP B 6 -22.28 -0.49 2.98
N ALA B 7 -22.20 0.54 3.80
CA ALA B 7 -20.96 1.26 4.04
C ALA B 7 -20.32 0.86 5.35
N ARG B 8 -18.99 0.99 5.40
CA ARG B 8 -18.25 0.63 6.54
C ARG B 8 -16.97 1.49 6.67
N GLU B 9 -16.40 1.57 7.86
CA GLU B 9 -15.16 2.27 8.07
C GLU B 9 -14.01 1.30 7.80
N ILE B 10 -13.05 1.69 6.95
CA ILE B 10 -11.81 0.95 6.80
C ILE B 10 -10.64 1.87 7.11
N LEU B 11 -9.40 1.40 7.11
CA LEU B 11 -8.29 2.34 7.27
C LEU B 11 -7.59 2.63 5.95
N ASP B 12 -7.25 3.90 5.74
CA ASP B 12 -6.49 4.33 4.57
C ASP B 12 -4.96 4.11 4.78
N SER B 13 -4.20 4.49 3.80
CA SER B 13 -2.78 4.26 3.80
C SER B 13 -1.97 4.91 4.88
N ARG B 14 -2.56 5.94 5.55
CA ARG B 14 -1.92 6.54 6.70
C ARG B 14 -2.38 5.96 8.03
N GLY B 15 -3.34 5.08 7.97
CA GLY B 15 -3.93 4.45 9.18
C GLY B 15 -5.08 5.31 9.71
N ASN B 16 -5.64 6.18 8.87
CA ASN B 16 -6.80 6.95 9.29
C ASN B 16 -8.09 6.34 8.71
N PRO B 17 -9.20 6.44 9.43
CA PRO B 17 -10.49 5.92 8.94
C PRO B 17 -10.90 6.54 7.62
N THR B 18 -11.47 5.72 6.76
CA THR B 18 -12.15 6.28 5.60
C THR B 18 -13.37 5.44 5.24
N VAL B 19 -14.19 5.88 4.33
CA VAL B 19 -15.43 5.26 3.90
C VAL B 19 -15.21 4.23 2.81
N GLU B 20 -15.71 3.00 2.98
CA GLU B 20 -15.84 2.02 1.95
C GLU B 20 -17.33 1.73 1.75
N VAL B 21 -17.71 1.46 0.51
CA VAL B 21 -19.10 1.10 0.16
C VAL B 21 -19.13 -0.17 -0.62
N ASP B 22 -20.02 -1.07 -0.19
CA ASP B 22 -20.38 -2.29 -0.90
C ASP B 22 -21.78 -2.06 -1.51
N LEU B 23 -21.87 -2.24 -2.82
CA LEU B 23 -23.16 -2.11 -3.49
C LEU B 23 -23.44 -3.42 -4.18
N TYR B 24 -24.68 -3.87 -4.00
CA TYR B 24 -25.10 -5.14 -4.62
C TYR B 24 -26.17 -4.91 -5.68
N THR B 25 -25.93 -5.53 -6.82
CA THR B 25 -26.95 -5.68 -7.86
C THR B 25 -27.09 -7.14 -8.26
N ALA B 26 -27.93 -7.44 -9.23
CA ALA B 26 -28.02 -8.85 -9.67
C ALA B 26 -26.69 -9.32 -10.25
N LYS B 27 -25.85 -8.38 -10.67
CA LYS B 27 -24.54 -8.77 -11.25
C LYS B 27 -23.50 -9.08 -10.17
N GLY B 28 -23.82 -8.76 -8.93
CA GLY B 28 -22.88 -9.12 -7.89
C GLY B 28 -22.50 -7.94 -7.00
N LEU B 29 -21.30 -7.99 -6.45
CA LEU B 29 -20.89 -7.02 -5.43
C LEU B 29 -19.85 -6.10 -5.99
N PHE B 30 -20.00 -4.80 -5.71
CA PHE B 30 -19.15 -3.78 -6.25
C PHE B 30 -18.76 -2.91 -5.07
N ARG B 31 -17.44 -2.81 -4.85
CA ARG B 31 -16.88 -2.15 -3.69
C ARG B 31 -16.00 -0.96 -4.12
N ALA B 32 -16.13 0.18 -3.41
CA ALA B 32 -15.19 1.28 -3.61
C ALA B 32 -14.86 1.95 -2.33
N ALA B 33 -13.75 2.67 -2.29
CA ALA B 33 -13.36 3.40 -1.06
C ALA B 33 -12.83 4.78 -1.42
N VAL B 34 -12.86 5.66 -0.46
CA VAL B 34 -12.70 7.11 -0.69
C VAL B 34 -11.31 7.48 -0.11
N PRO B 35 -10.53 8.24 -0.89
CA PRO B 35 -9.20 8.67 -0.41
C PRO B 35 -9.32 9.94 0.41
N SER B 36 -8.20 10.43 0.92
CA SER B 36 -8.23 11.62 1.78
C SER B 36 -6.94 12.37 1.76
N GLY B 37 -7.00 13.69 1.49
CA GLY B 37 -5.83 14.50 1.42
C GLY B 37 -5.31 15.00 2.70
N ALA B 38 -4.08 15.52 2.63
CA ALA B 38 -3.46 16.20 3.78
C ALA B 38 -3.30 17.67 3.46
N SER B 39 -2.83 17.95 2.24
CA SER B 39 -2.70 19.37 1.88
C SER B 39 -3.98 19.73 1.11
N THR B 40 -5.09 19.82 1.85
CA THR B 40 -6.36 20.03 1.28
C THR B 40 -6.73 21.55 1.08
N GLY B 41 -7.13 21.89 -0.15
CA GLY B 41 -7.54 23.25 -0.51
C GLY B 41 -8.75 23.69 0.33
N ILE B 42 -8.78 24.99 0.65
CA ILE B 42 -9.93 25.50 1.42
C ILE B 42 -11.19 25.38 0.62
N TYR B 43 -11.12 25.23 -0.71
CA TYR B 43 -12.32 25.15 -1.49
C TYR B 43 -12.79 23.72 -1.83
N GLU B 44 -12.18 22.73 -1.19
CA GLU B 44 -12.56 21.35 -1.47
C GLU B 44 -13.94 21.07 -0.80
N ALA B 45 -14.74 20.18 -1.42
CA ALA B 45 -15.98 19.70 -0.85
C ALA B 45 -15.69 19.11 0.55
N LEU B 46 -16.67 19.15 1.46
CA LEU B 46 -16.33 18.83 2.86
C LEU B 46 -16.13 17.32 3.06
N GLU B 47 -15.00 16.99 3.65
CA GLU B 47 -14.73 15.67 4.20
C GLU B 47 -15.29 15.61 5.59
N LEU B 48 -16.31 14.78 5.78
CA LEU B 48 -16.96 14.74 7.14
C LEU B 48 -16.29 13.71 8.06
N ARG B 49 -15.82 14.21 9.20
CA ARG B 49 -15.15 13.44 10.20
C ARG B 49 -16.00 13.61 11.46
N ASP B 50 -15.87 12.64 12.35
CA ASP B 50 -16.71 12.59 13.52
C ASP B 50 -16.27 13.57 14.59
N GLY B 51 -14.97 13.86 14.65
CA GLY B 51 -14.43 14.81 15.63
C GLY B 51 -14.60 14.37 17.07
N ASP B 52 -14.68 13.07 17.31
CA ASP B 52 -14.66 12.45 18.65
C ASP B 52 -13.20 12.32 19.05
N LYS B 53 -12.73 13.21 19.93
CA LYS B 53 -11.27 13.27 20.17
C LYS B 53 -10.67 12.01 20.77
N GLN B 54 -11.55 11.22 21.40
CA GLN B 54 -11.24 9.93 22.03
C GLN B 54 -11.15 8.76 21.08
N ARG B 55 -11.78 8.86 19.90
CA ARG B 55 -11.80 7.74 18.94
C ARG B 55 -11.00 8.06 17.67
N TYR B 56 -9.95 7.27 17.37
CA TYR B 56 -9.11 7.61 16.20
C TYR B 56 -8.70 9.08 16.17
N LEU B 57 -8.53 9.70 17.36
CA LEU B 57 -7.98 11.09 17.44
C LEU B 57 -8.87 12.03 16.62
N GLY B 58 -10.17 11.75 16.65
CA GLY B 58 -11.11 12.64 16.02
C GLY B 58 -11.43 12.36 14.58
N LYS B 59 -10.76 11.38 14.03
CA LYS B 59 -10.78 11.14 12.59
C LYS B 59 -11.77 10.04 12.14
N GLY B 60 -12.64 9.57 13.02
CA GLY B 60 -13.63 8.53 12.63
C GLY B 60 -14.52 8.98 11.52
N VAL B 61 -15.10 8.08 10.77
CA VAL B 61 -16.09 8.44 9.77
C VAL B 61 -17.40 7.67 9.97
N LEU B 62 -17.75 7.45 11.25
CA LEU B 62 -19.05 6.83 11.55
C LEU B 62 -20.20 7.69 11.09
N LYS B 63 -20.04 9.01 11.09
CA LYS B 63 -21.20 9.84 10.69
C LYS B 63 -21.49 9.69 9.21
N ALA B 64 -20.41 9.75 8.42
CA ALA B 64 -20.55 9.58 7.01
C ALA B 64 -21.09 8.19 6.69
N VAL B 65 -20.55 7.18 7.36
CA VAL B 65 -21.08 5.84 7.12
C VAL B 65 -22.59 5.79 7.45
N ASP B 66 -22.99 6.40 8.56
CA ASP B 66 -24.41 6.46 8.91
C ASP B 66 -25.23 7.15 7.83
N HIS B 67 -24.70 8.22 7.27
CA HIS B 67 -25.48 8.92 6.28
C HIS B 67 -25.77 8.00 5.12
N ILE B 68 -24.77 7.23 4.71
CA ILE B 68 -24.96 6.32 3.61
C ILE B 68 -25.96 5.21 4.04
N ASN B 69 -25.72 4.55 5.18
CA ASN B 69 -26.60 3.40 5.51
C ASN B 69 -28.07 3.76 5.85
N SER B 70 -28.28 4.87 6.52
CA SER B 70 -29.59 5.27 6.99
C SER B 70 -30.34 6.14 6.00
N THR B 71 -29.62 6.94 5.23
CA THR B 71 -30.27 7.98 4.39
C THR B 71 -30.10 7.78 2.93
N ILE B 72 -28.84 7.71 2.47
CA ILE B 72 -28.66 7.58 1.06
C ILE B 72 -29.07 6.23 0.50
N ALA B 73 -28.65 5.15 1.15
CA ALA B 73 -28.95 3.79 0.58
C ALA B 73 -30.45 3.59 0.36
N PRO B 74 -31.28 3.80 1.43
CA PRO B 74 -32.72 3.58 1.12
C PRO B 74 -33.34 4.45 0.03
N ALA B 75 -32.94 5.72 -0.04
CA ALA B 75 -33.39 6.55 -1.17
C ALA B 75 -33.01 6.07 -2.61
N LEU B 76 -31.74 5.72 -2.83
CA LEU B 76 -31.35 5.29 -4.14
C LEU B 76 -32.01 3.96 -4.51
N ILE B 77 -32.18 3.14 -3.50
CA ILE B 77 -32.78 1.84 -3.70
C ILE B 77 -34.25 2.10 -4.02
N SER B 78 -34.91 2.93 -3.24
CA SER B 78 -36.35 3.21 -3.55
C SER B 78 -36.54 3.81 -4.92
N SER B 79 -35.51 4.47 -5.43
CA SER B 79 -35.62 5.12 -6.75
C SER B 79 -35.85 4.19 -7.92
N GLY B 80 -35.37 2.98 -7.79
CA GLY B 80 -35.36 2.00 -8.88
C GLY B 80 -34.43 2.30 -10.04
N LEU B 81 -33.66 3.39 -9.95
CA LEU B 81 -32.71 3.70 -11.05
C LEU B 81 -31.70 2.59 -11.32
N SER B 82 -31.45 2.33 -12.59
CA SER B 82 -30.39 1.40 -12.99
C SER B 82 -29.09 2.06 -12.63
N VAL B 83 -28.15 1.25 -12.14
CA VAL B 83 -26.79 1.69 -11.92
C VAL B 83 -26.06 2.20 -13.15
N VAL B 84 -26.57 1.94 -14.35
CA VAL B 84 -26.00 2.61 -15.52
C VAL B 84 -26.27 4.12 -15.52
N GLU B 85 -27.27 4.56 -14.75
CA GLU B 85 -27.73 6.00 -14.79
C GLU B 85 -26.88 6.84 -13.78
N GLN B 86 -25.60 6.96 -14.04
CA GLN B 86 -24.71 7.64 -13.08
C GLN B 86 -25.22 9.02 -12.74
N GLU B 87 -25.55 9.78 -13.80
CA GLU B 87 -25.94 11.18 -13.63
C GLU B 87 -27.18 11.33 -12.76
N LYS B 88 -28.18 10.50 -13.02
CA LYS B 88 -29.39 10.57 -12.21
C LYS B 88 -29.19 10.19 -10.77
N LEU B 89 -28.38 9.13 -10.56
CA LEU B 89 -28.10 8.70 -9.20
C LEU B 89 -27.24 9.69 -8.43
N ASP B 90 -26.19 10.23 -9.07
CA ASP B 90 -25.40 11.28 -8.40
C ASP B 90 -26.29 12.49 -8.05
N ASN B 91 -27.10 12.90 -9.00
CA ASN B 91 -27.98 14.07 -8.82
C ASN B 91 -28.97 13.93 -7.66
N LEU B 92 -29.59 12.72 -7.55
CA LEU B 92 -30.42 12.38 -6.40
C LEU B 92 -29.61 12.57 -5.09
N MET B 93 -28.38 12.04 -5.02
CA MET B 93 -27.56 12.34 -3.87
C MET B 93 -27.30 13.78 -3.57
N LEU B 94 -26.98 14.53 -4.62
CA LEU B 94 -26.70 15.97 -4.52
C LEU B 94 -27.91 16.70 -3.97
N GLU B 95 -29.09 16.35 -4.45
CA GLU B 95 -30.33 16.98 -3.93
C GLU B 95 -30.72 16.60 -2.51
N LEU B 96 -30.42 15.37 -2.07
CA LEU B 96 -30.65 14.95 -0.71
C LEU B 96 -29.72 15.60 0.28
N ASP B 97 -28.48 15.82 -0.14
CA ASP B 97 -27.57 16.57 0.70
C ASP B 97 -27.98 18.07 0.79
N GLY B 98 -28.25 18.62 -0.40
CA GLY B 98 -28.87 19.90 -0.53
C GLY B 98 -27.93 21.10 -0.33
N THR B 99 -26.65 20.85 -0.05
CA THR B 99 -25.68 21.92 0.24
C THR B 99 -24.64 21.99 -0.90
N GLU B 100 -24.12 23.18 -1.18
CA GLU B 100 -23.19 23.38 -2.28
C GLU B 100 -21.91 22.54 -2.11
N ASN B 101 -21.45 22.44 -0.87
CA ASN B 101 -20.16 21.85 -0.60
C ASN B 101 -20.24 20.43 -0.04
N LYS B 102 -21.43 19.85 -0.11
CA LYS B 102 -21.73 18.50 0.46
C LYS B 102 -21.46 18.47 1.95
N SER B 103 -21.85 19.55 2.67
CA SER B 103 -21.47 19.61 4.07
C SER B 103 -22.46 18.83 4.98
N LYS B 104 -23.59 18.35 4.46
CA LYS B 104 -24.46 17.63 5.32
C LYS B 104 -24.13 16.16 5.39
N PHE B 105 -23.98 15.50 4.25
CA PHE B 105 -23.61 14.05 4.32
C PHE B 105 -22.08 13.85 4.36
N GLY B 106 -21.34 14.84 3.87
CA GLY B 106 -19.90 14.72 3.63
C GLY B 106 -19.65 14.27 2.20
N ALA B 107 -18.63 14.83 1.57
CA ALA B 107 -18.33 14.49 0.22
C ALA B 107 -17.82 13.06 0.16
N ASN B 108 -17.31 12.63 1.30
CA ASN B 108 -16.82 11.25 1.45
C ASN B 108 -17.93 10.25 1.48
N ALA B 109 -19.06 10.60 2.05
CA ALA B 109 -20.20 9.70 1.94
C ALA B 109 -20.71 9.61 0.51
N ILE B 110 -20.89 10.76 -0.16
CA ILE B 110 -21.50 10.74 -1.50
C ILE B 110 -20.58 10.12 -2.55
N LEU B 111 -19.29 10.41 -2.42
CA LEU B 111 -18.38 9.82 -3.41
C LEU B 111 -18.34 8.29 -3.26
N GLY B 112 -18.35 7.77 -2.03
CA GLY B 112 -18.17 6.31 -1.84
C GLY B 112 -19.28 5.60 -2.64
N VAL B 113 -20.48 6.14 -2.53
CA VAL B 113 -21.62 5.59 -3.27
C VAL B 113 -21.47 5.78 -4.78
N SER B 114 -21.08 6.97 -5.22
CA SER B 114 -20.95 7.31 -6.60
C SER B 114 -19.93 6.37 -7.30
N LEU B 115 -18.79 6.15 -6.64
CA LEU B 115 -17.83 5.21 -7.22
C LEU B 115 -18.34 3.78 -7.34
N ALA B 116 -19.01 3.31 -6.32
CA ALA B 116 -19.54 1.92 -6.36
C ALA B 116 -20.63 1.82 -7.43
N VAL B 117 -21.44 2.85 -7.57
CA VAL B 117 -22.47 2.86 -8.60
C VAL B 117 -21.79 2.69 -9.98
N CYS B 118 -20.78 3.49 -10.21
CA CYS B 118 -20.05 3.43 -11.46
C CYS B 118 -19.52 2.04 -11.77
N LYS B 119 -18.90 1.41 -10.80
CA LYS B 119 -18.37 0.02 -11.03
C LYS B 119 -19.55 -0.92 -11.33
N ALA B 120 -20.63 -0.76 -10.61
CA ALA B 120 -21.78 -1.59 -10.88
C ALA B 120 -22.39 -1.29 -12.23
N GLY B 121 -22.34 -0.01 -12.61
CA GLY B 121 -22.80 0.35 -13.92
C GLY B 121 -22.08 -0.36 -15.04
N ALA B 122 -20.75 -0.43 -14.95
CA ALA B 122 -19.97 -1.03 -15.97
C ALA B 122 -20.38 -2.45 -16.13
N ALA B 123 -20.56 -3.11 -15.02
CA ALA B 123 -20.96 -4.53 -15.07
C ALA B 123 -22.34 -4.74 -15.66
N GLU B 124 -23.24 -3.79 -15.46
CA GLU B 124 -24.55 -3.89 -16.10
C GLU B 124 -24.42 -3.71 -17.63
N ARG B 125 -23.48 -2.90 -18.08
CA ARG B 125 -23.26 -2.64 -19.49
C ARG B 125 -22.45 -3.74 -20.12
N GLU B 126 -21.95 -4.65 -19.28
CA GLU B 126 -21.02 -5.72 -19.65
C GLU B 126 -19.80 -5.13 -20.34
N LEU B 127 -19.24 -4.10 -19.70
CA LEU B 127 -18.05 -3.43 -20.20
C LEU B 127 -17.00 -3.35 -19.11
N PRO B 128 -15.70 -3.33 -19.45
CA PRO B 128 -14.70 -2.98 -18.38
C PRO B 128 -14.92 -1.53 -17.87
N LEU B 129 -14.54 -1.25 -16.61
CA LEU B 129 -14.77 0.05 -16.02
C LEU B 129 -14.30 1.15 -16.95
N TYR B 130 -13.11 1.00 -17.53
CA TYR B 130 -12.53 2.10 -18.24
C TYR B 130 -13.39 2.42 -19.47
N ARG B 131 -14.03 1.38 -20.01
CA ARG B 131 -14.87 1.60 -21.19
C ARG B 131 -16.21 2.25 -20.81
N HIS B 132 -16.78 1.86 -19.65
CA HIS B 132 -18.00 2.51 -19.17
C HIS B 132 -17.76 4.01 -18.96
N ILE B 133 -16.63 4.33 -18.34
CA ILE B 133 -16.31 5.72 -18.05
C ILE B 133 -16.18 6.44 -19.37
N ALA B 134 -15.53 5.86 -20.37
CA ALA B 134 -15.43 6.52 -21.69
C ALA B 134 -16.83 6.80 -22.22
N GLN B 135 -17.74 5.87 -22.09
CA GLN B 135 -19.08 6.13 -22.64
C GLN B 135 -19.80 7.23 -21.85
N LEU B 136 -19.62 7.26 -20.52
CA LEU B 136 -20.21 8.35 -19.69
C LEU B 136 -19.69 9.70 -20.08
N ALA B 137 -18.42 9.70 -20.50
CA ALA B 137 -17.71 10.93 -20.90
C ALA B 137 -17.85 11.26 -22.40
N GLY B 138 -18.41 10.35 -23.20
CA GLY B 138 -18.52 10.48 -24.64
C GLY B 138 -17.18 10.32 -25.34
N ASN B 139 -16.34 9.41 -24.86
CA ASN B 139 -15.04 9.18 -25.50
C ASN B 139 -14.95 7.86 -26.22
N SER B 140 -14.22 7.81 -27.34
CA SER B 140 -14.08 6.55 -28.08
C SER B 140 -12.65 6.07 -28.22
N ASP B 141 -11.73 7.00 -28.39
CA ASP B 141 -10.33 6.69 -28.29
C ASP B 141 -10.05 6.29 -26.83
N LEU B 142 -9.04 5.47 -26.61
CA LEU B 142 -8.54 5.35 -25.24
C LEU B 142 -7.09 5.60 -25.34
N ILE B 143 -6.45 5.95 -24.23
CA ILE B 143 -5.04 6.14 -24.27
C ILE B 143 -4.46 5.87 -22.88
N LEU B 144 -3.32 5.18 -22.85
CA LEU B 144 -2.61 5.02 -21.57
C LEU B 144 -1.83 6.25 -21.24
N PRO B 145 -1.88 6.70 -19.98
CA PRO B 145 -1.26 7.98 -19.62
C PRO B 145 0.22 7.83 -19.32
N VAL B 146 1.02 8.87 -19.37
CA VAL B 146 2.31 8.86 -18.79
C VAL B 146 2.13 8.99 -17.26
N PRO B 147 2.76 8.09 -16.49
CA PRO B 147 2.69 8.20 -15.04
C PRO B 147 3.67 9.20 -14.53
N ALA B 148 3.23 10.04 -13.58
CA ALA B 148 4.10 10.94 -12.85
C ALA B 148 4.40 10.42 -11.48
N PHE B 149 5.62 9.97 -11.26
CA PHE B 149 6.01 9.36 -9.99
C PHE B 149 6.63 10.29 -8.99
N ASN B 150 5.96 10.48 -7.83
CA ASN B 150 6.47 11.34 -6.79
C ASN B 150 7.61 10.72 -6.02
N VAL B 151 8.87 10.91 -6.47
CA VAL B 151 9.97 10.19 -5.91
C VAL B 151 10.78 10.84 -4.83
N ILE B 152 10.64 12.15 -4.63
CA ILE B 152 11.06 12.85 -3.48
C ILE B 152 9.85 13.58 -2.87
N ASN B 153 9.53 13.23 -1.62
CA ASN B 153 8.36 13.87 -0.90
C ASN B 153 8.86 14.96 0.05
N GLY B 154 8.12 16.07 0.10
CA GLY B 154 8.41 17.26 0.89
C GLY B 154 7.06 17.85 1.43
N GLY B 155 7.11 19.10 1.88
CA GLY B 155 5.87 19.80 2.12
C GLY B 155 5.41 19.95 3.55
N SER B 156 4.12 20.18 3.68
CA SER B 156 3.47 20.37 4.96
C SER B 156 3.75 19.37 6.03
N HIS B 157 3.98 18.16 5.58
CA HIS B 157 3.88 17.03 6.46
C HIS B 157 5.03 16.08 6.22
N ALA B 158 6.19 16.59 5.86
CA ALA B 158 7.24 15.66 5.49
C ALA B 158 8.25 15.61 6.52
N GLY B 159 8.64 14.41 6.91
CA GLY B 159 9.64 14.37 7.95
C GLY B 159 10.92 14.90 7.32
N ASN B 160 10.90 16.26 6.72
CA ASN B 160 12.11 16.98 6.38
C ASN B 160 11.82 18.46 6.31
N LYS B 161 12.82 19.31 6.06
CA LYS B 161 12.52 20.74 5.90
C LYS B 161 12.02 21.21 4.52
N LEU B 162 12.16 20.31 3.54
CA LEU B 162 11.90 20.58 2.13
C LEU B 162 10.45 21.17 2.09
N ALA B 163 10.33 22.41 1.60
CA ALA B 163 9.00 23.09 1.54
C ALA B 163 8.11 22.65 0.41
N MET B 164 8.65 22.46 -0.78
CA MET B 164 7.79 22.08 -1.89
C MET B 164 7.44 20.59 -1.75
N GLN B 165 6.18 20.30 -2.11
CA GLN B 165 5.54 19.01 -1.77
C GLN B 165 6.00 17.82 -2.54
N GLU B 166 6.15 17.92 -3.85
CA GLU B 166 6.40 16.70 -4.63
C GLU B 166 7.37 16.94 -5.77
N PHE B 167 8.34 16.02 -5.95
CA PHE B 167 9.21 16.07 -7.14
C PHE B 167 8.99 14.80 -7.93
N MET B 168 8.48 14.92 -9.14
CA MET B 168 8.01 13.76 -9.87
C MET B 168 8.87 13.53 -11.12
N ILE B 169 8.97 12.28 -11.46
CA ILE B 169 9.57 11.91 -12.77
C ILE B 169 8.50 11.37 -13.66
N LEU B 170 8.56 11.73 -14.94
CA LEU B 170 7.61 11.39 -15.94
C LEU B 170 8.32 10.66 -17.14
N PRO B 171 8.14 9.34 -17.29
CA PRO B 171 8.82 8.65 -18.40
C PRO B 171 8.12 8.88 -19.71
N VAL B 172 8.18 10.11 -20.22
CA VAL B 172 7.54 10.44 -21.49
C VAL B 172 8.14 9.69 -22.70
N GLY B 173 9.39 9.29 -22.61
CA GLY B 173 10.05 8.61 -23.77
C GLY B 173 9.97 7.08 -23.69
N ALA B 174 9.15 6.56 -22.80
CA ALA B 174 8.93 5.12 -22.71
C ALA B 174 8.21 4.58 -23.94
N GLU B 175 8.32 3.26 -24.14
CA GLU B 175 7.70 2.65 -25.30
C GLU B 175 6.26 2.26 -25.07
N SER B 176 5.84 2.13 -23.77
CA SER B 176 4.46 1.71 -23.46
C SER B 176 4.23 2.08 -22.02
N PHE B 177 3.04 1.78 -21.50
CA PHE B 177 2.84 2.01 -20.09
C PHE B 177 3.69 1.08 -19.22
N ARG B 178 3.76 -0.18 -19.62
CA ARG B 178 4.55 -1.12 -18.86
C ARG B 178 6.04 -0.76 -18.90
N ASP B 179 6.53 -0.20 -20.02
CA ASP B 179 7.87 0.29 -20.07
C ASP B 179 8.11 1.52 -19.19
N ALA B 180 7.09 2.36 -19.13
CA ALA B 180 7.16 3.53 -18.25
C ALA B 180 7.29 3.10 -16.78
N MET B 181 6.66 2.00 -16.42
CA MET B 181 6.76 1.48 -15.04
C MET B 181 8.19 0.98 -14.73
N ARG B 182 8.79 0.28 -15.70
CA ARG B 182 10.21 -0.12 -15.49
C ARG B 182 11.13 1.08 -15.39
N LEU B 183 10.99 2.07 -16.29
CA LEU B 183 11.83 3.28 -16.22
C LEU B 183 11.66 3.98 -14.84
N GLY B 184 10.41 4.08 -14.40
CA GLY B 184 10.17 4.72 -13.09
C GLY B 184 10.77 3.99 -11.91
N ALA B 185 10.58 2.66 -11.90
CA ALA B 185 11.04 1.85 -10.83
C ALA B 185 12.59 1.87 -10.85
N GLU B 186 13.22 1.79 -12.05
CA GLU B 186 14.68 1.79 -12.07
C GLU B 186 15.24 3.13 -11.59
N VAL B 187 14.60 4.23 -11.99
CA VAL B 187 15.13 5.52 -11.52
C VAL B 187 14.92 5.68 -9.99
N TYR B 188 13.77 5.21 -9.48
CA TYR B 188 13.54 5.18 -8.08
C TYR B 188 14.63 4.46 -7.29
N HIS B 189 14.94 3.23 -7.74
CA HIS B 189 15.94 2.50 -7.01
C HIS B 189 17.31 3.09 -7.19
N THR B 190 17.59 3.72 -8.35
CA THR B 190 18.84 4.43 -8.54
C THR B 190 18.93 5.64 -7.57
N LEU B 191 17.80 6.33 -7.42
CA LEU B 191 17.72 7.47 -6.51
C LEU B 191 17.96 7.10 -5.07
N LYS B 192 17.47 5.93 -4.62
CA LYS B 192 17.75 5.51 -3.26
C LYS B 192 19.27 5.49 -2.95
N GLY B 193 20.04 4.88 -3.87
CA GLY B 193 21.50 4.88 -3.81
C GLY B 193 22.14 6.26 -3.83
N VAL B 194 21.67 7.11 -4.75
CA VAL B 194 22.20 8.44 -4.84
C VAL B 194 22.03 9.13 -3.49
N ILE B 195 20.81 9.00 -2.93
CA ILE B 195 20.57 9.62 -1.66
C ILE B 195 21.40 9.01 -0.54
N LYS B 196 21.46 7.67 -0.53
CA LYS B 196 22.18 6.99 0.53
C LYS B 196 23.69 7.39 0.50
N ASP B 197 24.26 7.52 -0.68
CA ASP B 197 25.67 7.89 -0.73
C ASP B 197 25.96 9.31 -0.29
N LYS B 198 25.04 10.21 -0.55
CA LYS B 198 25.26 11.58 -0.16
C LYS B 198 24.85 11.91 1.30
N TYR B 199 23.71 11.38 1.71
CA TYR B 199 23.10 11.71 2.96
C TYR B 199 23.12 10.63 4.00
N GLY B 200 23.45 9.39 3.62
CA GLY B 200 23.42 8.29 4.58
C GLY B 200 22.13 7.50 4.52
N LYS B 201 22.10 6.34 5.16
CA LYS B 201 20.91 5.48 5.08
C LYS B 201 19.66 6.09 5.72
N ASP B 202 19.81 6.95 6.74
CA ASP B 202 18.67 7.58 7.40
C ASP B 202 17.89 8.51 6.50
N ALA B 203 18.44 8.88 5.36
CA ALA B 203 17.69 9.71 4.42
C ALA B 203 16.91 8.88 3.40
N THR B 204 16.91 7.57 3.58
CA THR B 204 16.29 6.76 2.57
C THR B 204 14.97 6.11 2.99
N ASN B 205 14.41 6.57 4.08
CA ASN B 205 13.03 6.18 4.44
C ASN B 205 12.02 6.94 3.64
N VAL B 206 10.74 6.57 3.68
CA VAL B 206 9.79 7.15 2.73
C VAL B 206 8.72 7.96 3.41
N GLY B 207 8.17 8.94 2.64
CA GLY B 207 7.04 9.73 3.09
C GLY B 207 5.71 9.09 2.67
N ASP B 208 4.64 9.84 2.85
CA ASP B 208 3.27 9.35 2.66
C ASP B 208 3.01 8.74 1.31
N GLU B 209 3.67 9.27 0.27
CA GLU B 209 3.37 8.81 -1.09
C GLU B 209 4.42 7.85 -1.64
N GLY B 210 5.36 7.44 -0.78
CA GLY B 210 6.32 6.38 -1.15
C GLY B 210 7.61 6.99 -1.69
N GLY B 211 7.68 8.31 -1.81
CA GLY B 211 8.92 8.99 -2.25
C GLY B 211 9.92 9.13 -1.09
N PHE B 212 11.18 9.32 -1.42
CA PHE B 212 12.14 9.50 -0.37
C PHE B 212 12.03 10.82 0.28
N ALA B 213 12.38 10.76 1.54
CA ALA B 213 12.32 11.92 2.40
C ALA B 213 13.66 12.31 2.96
N PRO B 214 14.56 12.87 2.09
CA PRO B 214 15.87 13.21 2.59
C PRO B 214 15.81 14.49 3.35
N ASN B 215 16.78 14.59 4.24
CA ASN B 215 16.88 15.72 5.14
C ASN B 215 17.46 16.95 4.43
N ILE B 216 16.73 17.47 3.44
CA ILE B 216 17.21 18.70 2.81
C ILE B 216 16.20 19.79 2.90
N LEU B 217 16.69 20.99 2.66
CA LEU B 217 15.91 22.21 2.68
C LEU B 217 15.74 22.76 1.28
N GLU B 218 16.82 22.82 0.50
CA GLU B 218 16.80 23.55 -0.80
C GLU B 218 16.03 22.80 -1.93
N ASN B 219 14.98 23.40 -2.51
CA ASN B 219 14.21 22.69 -3.54
C ASN B 219 15.09 22.36 -4.76
N SER B 220 16.07 23.17 -5.03
CA SER B 220 16.97 22.89 -6.13
C SER B 220 17.83 21.67 -5.87
N GLU B 221 18.14 21.39 -4.61
CA GLU B 221 18.81 20.10 -4.33
C GLU B 221 17.96 18.86 -4.62
N ALA B 222 16.67 18.92 -4.37
CA ALA B 222 15.74 17.83 -4.71
C ALA B 222 15.84 17.60 -6.22
N LEU B 223 15.84 18.71 -6.95
CA LEU B 223 15.87 18.63 -8.39
C LEU B 223 17.21 18.06 -8.85
N GLU B 224 18.30 18.46 -8.19
CA GLU B 224 19.61 17.91 -8.59
C GLU B 224 19.71 16.41 -8.33
N LEU B 225 19.13 15.98 -7.22
CA LEU B 225 19.20 14.58 -6.90
C LEU B 225 18.43 13.74 -7.92
N VAL B 226 17.19 14.19 -8.23
CA VAL B 226 16.36 13.59 -9.23
C VAL B 226 17.06 13.56 -10.59
N LYS B 227 17.65 14.68 -10.99
CA LYS B 227 18.36 14.71 -12.25
C LYS B 227 19.52 13.76 -12.28
N GLU B 228 20.28 13.67 -11.18
CA GLU B 228 21.37 12.74 -11.15
C GLU B 228 20.88 11.31 -11.32
N ALA B 229 19.84 10.94 -10.58
CA ALA B 229 19.36 9.56 -10.65
C ALA B 229 18.85 9.20 -12.02
N ILE B 230 18.18 10.12 -12.71
CA ILE B 230 17.72 9.84 -14.03
C ILE B 230 18.93 9.52 -14.93
N ASP B 231 19.95 10.32 -14.75
CA ASP B 231 21.14 10.21 -15.61
C ASP B 231 21.90 8.94 -15.26
N LYS B 232 22.03 8.64 -13.98
CA LYS B 232 22.78 7.46 -13.53
C LYS B 232 22.08 6.19 -14.01
N ALA B 233 20.74 6.23 -14.14
CA ALA B 233 19.98 5.12 -14.54
C ALA B 233 20.00 4.94 -16.05
N GLY B 234 20.53 5.97 -16.70
CA GLY B 234 20.74 6.05 -18.17
C GLY B 234 19.58 6.56 -18.99
N TYR B 235 18.69 7.31 -18.37
CA TYR B 235 17.46 7.67 -19.01
C TYR B 235 17.29 9.20 -19.26
N THR B 236 18.39 9.93 -19.29
CA THR B 236 18.29 11.38 -19.55
C THR B 236 17.43 11.71 -20.74
N GLU B 237 17.51 10.93 -21.81
CA GLU B 237 16.69 11.35 -22.93
C GLU B 237 15.21 10.98 -22.84
N LYS B 238 14.80 10.28 -21.79
CA LYS B 238 13.44 9.71 -21.86
C LYS B 238 12.55 10.03 -20.63
N ILE B 239 13.14 10.69 -19.63
CA ILE B 239 12.41 11.06 -18.42
C ILE B 239 12.56 12.53 -18.12
N VAL B 240 11.44 13.16 -17.75
CA VAL B 240 11.44 14.59 -17.39
C VAL B 240 10.82 14.76 -16.02
N ILE B 241 10.80 15.98 -15.53
CA ILE B 241 10.45 16.22 -14.10
C ILE B 241 9.17 17.04 -14.03
N GLY B 242 8.32 16.73 -13.03
CA GLY B 242 7.20 17.59 -12.71
C GLY B 242 7.26 17.92 -11.23
N MET B 243 6.61 19.01 -10.83
CA MET B 243 6.65 19.40 -9.41
C MET B 243 5.22 19.72 -8.98
N ASP B 244 4.93 19.36 -7.71
CA ASP B 244 3.77 19.96 -7.07
C ASP B 244 4.33 20.81 -5.94
N VAL B 245 4.25 22.11 -6.07
CA VAL B 245 4.71 23.00 -5.03
C VAL B 245 3.75 22.97 -3.80
N ALA B 246 2.47 22.83 -4.04
CA ALA B 246 1.43 23.08 -3.06
C ALA B 246 1.64 24.36 -2.29
N ALA B 247 1.82 25.45 -3.02
CA ALA B 247 2.16 26.74 -2.41
C ALA B 247 1.13 27.26 -1.36
N SER B 248 -0.12 26.78 -1.39
CA SER B 248 -1.09 27.28 -0.40
C SER B 248 -0.62 26.85 0.98
N GLU B 249 0.18 25.78 1.07
CA GLU B 249 0.63 25.34 2.36
C GLU B 249 1.62 26.26 3.00
N PHE B 250 2.30 27.11 2.23
CA PHE B 250 3.33 27.95 2.76
C PHE B 250 3.11 29.48 2.49
N TYR B 251 1.92 29.77 1.99
CA TYR B 251 1.49 31.21 1.87
C TYR B 251 1.35 31.81 3.26
N ARG B 252 1.99 32.95 3.47
CA ARG B 252 1.99 33.65 4.80
C ARG B 252 1.86 35.17 4.59
N ASP B 253 0.74 35.78 4.97
CA ASP B 253 0.75 37.25 5.00
C ASP B 253 0.91 37.92 3.67
N GLY B 254 0.45 37.31 2.57
CA GLY B 254 0.62 37.91 1.27
C GLY B 254 1.95 37.54 0.61
N LYS B 255 2.76 36.76 1.32
CA LYS B 255 4.11 36.27 0.85
C LYS B 255 4.18 34.72 0.97
N TYR B 256 5.37 34.17 0.75
CA TYR B 256 5.61 32.73 0.74
C TYR B 256 6.81 32.34 1.64
N ASP B 257 6.64 31.27 2.42
CA ASP B 257 7.65 30.81 3.35
C ASP B 257 8.28 29.51 2.90
N LEU B 258 9.43 29.57 2.24
CA LEU B 258 10.04 28.29 1.79
C LEU B 258 10.73 27.48 2.90
N ASP B 259 10.53 27.83 4.17
CA ASP B 259 11.04 26.99 5.26
C ASP B 259 9.95 26.81 6.36
N PHE B 260 8.72 26.57 5.89
CA PHE B 260 7.57 26.64 6.79
C PHE B 260 7.47 25.55 7.85
N LYS B 261 8.23 24.46 7.70
CA LYS B 261 8.26 23.45 8.73
C LYS B 261 9.32 23.76 9.80
N SER B 262 9.91 24.95 9.73
CA SER B 262 10.78 25.51 10.76
C SER B 262 10.02 26.56 11.62
N PRO B 263 10.44 26.76 12.90
CA PRO B 263 9.81 27.81 13.74
C PRO B 263 9.70 29.15 13.02
N THR B 264 8.53 29.78 13.12
CA THR B 264 8.18 31.04 12.46
C THR B 264 9.30 32.07 12.40
N ASP B 265 9.42 32.72 11.26
CA ASP B 265 10.33 33.81 11.12
C ASP B 265 10.00 34.53 9.82
N PRO B 266 9.20 35.62 9.89
CA PRO B 266 8.80 36.47 8.78
C PRO B 266 9.92 36.97 7.91
N SER B 267 11.12 37.06 8.48
CA SER B 267 12.25 37.62 7.75
C SER B 267 12.59 36.78 6.52
N ARG B 268 12.26 35.50 6.57
CA ARG B 268 12.64 34.61 5.47
C ARG B 268 11.58 34.60 4.35
N TYR B 269 10.46 35.34 4.53
CA TYR B 269 9.38 35.29 3.50
C TYR B 269 9.78 35.86 2.15
N ILE B 270 9.31 35.28 1.06
CA ILE B 270 9.51 35.94 -0.24
C ILE B 270 8.21 36.33 -0.99
N THR B 271 8.31 37.20 -2.00
CA THR B 271 7.08 37.53 -2.65
C THR B 271 6.77 36.56 -3.80
N GLY B 272 5.57 36.69 -4.36
CA GLY B 272 5.23 35.80 -5.47
C GLY B 272 6.14 36.03 -6.67
N ASP B 273 6.58 37.26 -6.86
CA ASP B 273 7.55 37.58 -7.88
C ASP B 273 8.86 36.83 -7.70
N GLN B 274 9.42 36.82 -6.48
CA GLN B 274 10.65 36.06 -6.22
C GLN B 274 10.42 34.58 -6.43
N LEU B 275 9.26 34.12 -6.06
CA LEU B 275 8.94 32.71 -6.21
C LEU B 275 8.87 32.35 -7.70
N GLY B 276 8.15 33.12 -8.48
CA GLY B 276 8.18 32.93 -9.95
C GLY B 276 9.56 32.95 -10.60
N ALA B 277 10.44 33.87 -10.21
CA ALA B 277 11.83 33.86 -10.68
C ALA B 277 12.56 32.60 -10.28
N LEU B 278 12.27 32.03 -9.12
CA LEU B 278 12.83 30.73 -8.75
C LEU B 278 12.40 29.65 -9.72
N TYR B 279 11.10 29.61 -10.00
CA TYR B 279 10.59 28.61 -10.92
C TYR B 279 11.25 28.79 -12.31
N GLN B 280 11.43 30.02 -12.73
CA GLN B 280 12.00 30.20 -14.12
C GLN B 280 13.45 29.67 -14.10
N ASP B 281 14.12 29.79 -12.97
CA ASP B 281 15.46 29.19 -12.84
C ASP B 281 15.41 27.66 -12.93
N PHE B 282 14.45 27.05 -12.21
CA PHE B 282 14.25 25.58 -12.28
C PHE B 282 14.02 25.12 -13.68
N VAL B 283 13.15 25.81 -14.43
CA VAL B 283 12.79 25.38 -15.77
C VAL B 283 14.04 25.48 -16.66
N ARG B 284 14.86 26.51 -16.45
CA ARG B 284 16.02 26.69 -17.32
C ARG B 284 17.08 25.64 -17.00
N ASP B 285 17.23 25.28 -15.73
CA ASP B 285 18.40 24.46 -15.31
C ASP B 285 18.11 22.95 -15.18
N TYR B 286 16.85 22.58 -15.22
CA TYR B 286 16.39 21.18 -14.96
C TYR B 286 15.33 20.88 -15.95
N PRO B 287 15.09 19.63 -16.24
CA PRO B 287 14.08 19.28 -17.26
C PRO B 287 12.63 19.32 -16.67
N VAL B 288 12.28 20.41 -16.02
CA VAL B 288 10.95 20.58 -15.46
C VAL B 288 9.98 21.00 -16.52
N VAL B 289 8.93 20.21 -16.70
CA VAL B 289 7.96 20.42 -17.75
C VAL B 289 6.56 20.73 -17.20
N SER B 290 6.40 20.66 -15.85
CA SER B 290 5.03 20.83 -15.29
C SER B 290 5.22 21.25 -13.85
N ILE B 291 4.51 22.31 -13.46
CA ILE B 291 4.48 22.74 -12.05
C ILE B 291 3.02 22.94 -11.64
N GLU B 292 2.68 22.29 -10.52
CA GLU B 292 1.31 22.27 -9.97
C GLU B 292 1.27 23.18 -8.71
N ASP B 293 0.19 23.98 -8.59
CA ASP B 293 0.01 24.93 -7.43
C ASP B 293 1.24 25.74 -7.14
N PRO B 294 1.76 26.47 -8.16
CA PRO B 294 2.99 27.32 -7.93
C PRO B 294 2.66 28.52 -6.96
N PHE B 295 1.39 28.83 -6.88
CA PHE B 295 0.98 29.96 -6.00
C PHE B 295 -0.26 29.52 -5.21
N ASP B 296 -0.65 30.40 -4.24
CA ASP B 296 -1.73 30.15 -3.35
C ASP B 296 -3.06 30.06 -4.13
N GLN B 297 -3.98 29.29 -3.61
CA GLN B 297 -5.27 29.09 -4.20
C GLN B 297 -6.09 30.36 -4.43
N ASP B 298 -5.76 31.47 -3.74
CA ASP B 298 -6.46 32.74 -3.97
C ASP B 298 -5.59 33.77 -4.72
N ASP B 299 -4.31 33.46 -4.95
CA ASP B 299 -3.38 34.47 -5.56
C ASP B 299 -3.50 34.44 -7.07
N TRP B 300 -4.71 34.76 -7.57
CA TRP B 300 -5.00 34.68 -9.01
C TRP B 300 -4.03 35.49 -9.85
N ALA B 301 -3.63 36.66 -9.42
CA ALA B 301 -2.72 37.46 -10.24
C ALA B 301 -1.37 36.79 -10.51
N ALA B 302 -0.85 36.05 -9.57
CA ALA B 302 0.45 35.39 -9.73
C ALA B 302 0.29 34.24 -10.70
N TRP B 303 -0.80 33.53 -10.59
CA TRP B 303 -1.04 32.39 -11.53
C TRP B 303 -1.15 32.86 -12.97
N SER B 304 -1.96 33.88 -13.26
CA SER B 304 -2.14 34.35 -14.57
C SER B 304 -0.82 34.94 -15.13
N LYS B 305 -0.09 35.72 -14.33
CA LYS B 305 1.12 36.36 -14.81
C LYS B 305 2.17 35.28 -15.11
N PHE B 306 2.26 34.27 -14.25
CA PHE B 306 3.30 33.27 -14.46
C PHE B 306 2.95 32.38 -15.66
N THR B 307 1.69 31.99 -15.79
CA THR B 307 1.24 31.17 -16.91
C THR B 307 1.47 31.88 -18.26
N ALA B 308 1.25 33.21 -18.26
CA ALA B 308 1.49 33.95 -19.50
C ALA B 308 2.96 34.07 -19.88
N ASN B 309 3.89 33.78 -18.97
CA ASN B 309 5.32 34.04 -19.22
C ASN B 309 6.16 32.73 -19.27
N VAL B 310 5.51 31.60 -19.42
CA VAL B 310 6.16 30.26 -19.47
C VAL B 310 5.52 29.38 -20.51
N GLY B 311 6.24 28.33 -20.98
CA GLY B 311 5.56 27.43 -21.90
C GLY B 311 5.37 26.05 -21.28
N ILE B 312 5.73 25.92 -20.01
CA ILE B 312 5.47 24.65 -19.28
C ILE B 312 4.00 24.46 -18.94
N GLN B 313 3.67 23.22 -18.52
CA GLN B 313 2.35 22.88 -18.05
C GLN B 313 2.22 23.50 -16.60
N ILE B 314 1.10 24.16 -16.36
CA ILE B 314 0.82 24.83 -15.06
C ILE B 314 -0.47 24.20 -14.61
N VAL B 315 -0.41 23.46 -13.46
CA VAL B 315 -1.55 22.65 -13.05
C VAL B 315 -2.26 23.26 -11.85
N GLY B 316 -3.58 23.44 -12.03
CA GLY B 316 -4.39 23.86 -10.87
C GLY B 316 -4.79 22.63 -10.09
N ASP B 317 -4.56 22.73 -8.80
CA ASP B 317 -5.00 21.67 -7.87
C ASP B 317 -5.86 22.40 -6.78
N ASP B 318 -5.22 22.96 -5.78
CA ASP B 318 -6.03 23.73 -4.75
C ASP B 318 -6.63 24.95 -5.44
N LEU B 319 -6.13 25.33 -6.60
CA LEU B 319 -6.76 26.49 -7.23
C LEU B 319 -8.16 26.16 -7.77
N THR B 320 -8.32 24.98 -8.38
CA THR B 320 -9.50 24.67 -9.11
C THR B 320 -10.40 23.66 -8.43
N VAL B 321 -9.82 22.90 -7.49
CA VAL B 321 -10.52 21.87 -6.66
C VAL B 321 -11.52 21.02 -7.45
N THR B 322 -11.15 20.60 -8.65
CA THR B 322 -12.04 19.80 -9.50
C THR B 322 -13.46 20.35 -9.56
N ASN B 323 -13.59 21.68 -9.61
CA ASN B 323 -14.89 22.29 -9.43
C ASN B 323 -15.19 23.19 -10.61
N PRO B 324 -16.23 22.84 -11.44
CA PRO B 324 -16.52 23.62 -12.61
C PRO B 324 -16.66 25.12 -12.43
N LYS B 325 -17.15 25.57 -11.27
CA LYS B 325 -17.19 27.04 -11.01
C LYS B 325 -15.81 27.70 -10.92
N ARG B 326 -14.88 27.02 -10.24
CA ARG B 326 -13.53 27.57 -10.12
C ARG B 326 -12.80 27.44 -11.46
N ILE B 327 -13.06 26.35 -12.17
CA ILE B 327 -12.38 26.11 -13.44
C ILE B 327 -12.81 27.26 -14.39
N GLU B 328 -14.11 27.62 -14.40
CA GLU B 328 -14.61 28.71 -15.25
C GLU B 328 -13.85 29.97 -15.06
N ARG B 329 -13.66 30.35 -13.80
CA ARG B 329 -12.88 31.52 -13.48
C ARG B 329 -11.40 31.36 -13.97
N ALA B 330 -10.81 30.18 -13.75
CA ALA B 330 -9.41 30.01 -14.13
C ALA B 330 -9.26 30.05 -15.66
N VAL B 331 -10.30 29.62 -16.35
CA VAL B 331 -10.28 29.64 -17.79
C VAL B 331 -10.32 31.12 -18.22
N GLU B 332 -11.28 31.85 -17.64
CA GLU B 332 -11.43 33.26 -18.04
C GLU B 332 -10.19 34.04 -17.74
N GLU B 333 -9.55 33.83 -16.57
CA GLU B 333 -8.34 34.55 -16.14
C GLU B 333 -7.04 33.96 -16.69
N LYS B 334 -7.15 32.88 -17.47
CA LYS B 334 -5.95 32.23 -18.00
C LYS B 334 -4.94 31.97 -16.86
N ALA B 335 -5.47 31.36 -15.76
CA ALA B 335 -4.64 31.18 -14.58
C ALA B 335 -3.69 29.97 -14.69
N CYS B 336 -4.10 28.99 -15.49
CA CYS B 336 -3.31 27.71 -15.56
C CYS B 336 -3.69 27.06 -16.86
N ASN B 337 -3.07 25.93 -17.20
CA ASN B 337 -3.45 25.31 -18.45
C ASN B 337 -3.66 23.81 -18.30
N CYS B 338 -3.79 23.37 -17.05
CA CYS B 338 -4.04 21.93 -16.79
C CYS B 338 -4.83 21.81 -15.51
N LEU B 339 -5.75 20.86 -15.48
CA LEU B 339 -6.57 20.57 -14.28
C LEU B 339 -6.05 19.36 -13.58
N LEU B 340 -5.90 19.41 -12.25
CA LEU B 340 -5.61 18.15 -11.48
C LEU B 340 -6.96 17.62 -11.07
N LEU B 341 -7.27 16.42 -11.53
CA LEU B 341 -8.60 15.87 -11.31
C LEU B 341 -8.59 14.91 -10.12
N LYS B 342 -9.22 15.40 -9.08
CA LYS B 342 -9.43 14.62 -7.85
C LYS B 342 -10.89 14.44 -7.59
N VAL B 343 -11.39 13.24 -7.75
CA VAL B 343 -12.83 12.98 -7.58
C VAL B 343 -13.30 13.41 -6.18
N ASN B 344 -12.44 13.31 -5.14
CA ASN B 344 -12.93 13.63 -3.81
C ASN B 344 -12.81 15.15 -3.47
N GLN B 345 -12.33 15.97 -4.40
CA GLN B 345 -12.36 17.40 -4.12
C GLN B 345 -13.74 17.91 -4.47
N ILE B 346 -14.46 17.17 -5.28
CA ILE B 346 -15.77 17.63 -5.72
C ILE B 346 -16.87 16.73 -5.22
N GLY B 347 -16.60 15.41 -5.12
CA GLY B 347 -17.52 14.51 -4.42
C GLY B 347 -18.40 13.63 -5.21
N SER B 348 -18.33 13.64 -6.53
CA SER B 348 -19.11 12.66 -7.29
C SER B 348 -18.42 12.39 -8.62
N VAL B 349 -18.58 11.15 -9.12
CA VAL B 349 -18.14 10.87 -10.42
C VAL B 349 -18.69 11.78 -11.53
N THR B 350 -20.00 11.98 -11.58
CA THR B 350 -20.59 12.88 -12.56
C THR B 350 -19.91 14.25 -12.56
N GLU B 351 -19.81 14.90 -11.40
CA GLU B 351 -19.19 16.18 -11.37
C GLU B 351 -17.71 16.19 -11.75
N ALA B 352 -17.00 15.10 -11.42
CA ALA B 352 -15.55 15.00 -11.87
C ALA B 352 -15.46 14.90 -13.39
N ILE B 353 -16.34 14.15 -14.00
CA ILE B 353 -16.28 13.98 -15.45
C ILE B 353 -16.68 15.31 -16.10
N GLN B 354 -17.68 16.01 -15.52
CA GLN B 354 -18.01 17.36 -16.03
C GLN B 354 -16.81 18.30 -15.91
N ALA B 355 -16.06 18.23 -14.80
CA ALA B 355 -14.89 19.12 -14.61
C ALA B 355 -13.82 18.82 -15.70
N CYS B 356 -13.56 17.52 -15.90
CA CYS B 356 -12.58 17.14 -16.91
C CYS B 356 -13.01 17.61 -18.29
N LYS B 357 -14.30 17.47 -18.62
CA LYS B 357 -14.71 17.86 -19.99
C LYS B 357 -14.70 19.39 -20.17
N LEU B 358 -15.02 20.14 -19.13
CA LEU B 358 -14.89 21.61 -19.18
C LEU B 358 -13.46 22.07 -19.42
N ALA B 359 -12.53 21.45 -18.72
CA ALA B 359 -11.08 21.70 -18.87
C ALA B 359 -10.69 21.34 -20.33
N GLN B 360 -11.10 20.16 -20.80
CA GLN B 360 -10.61 19.68 -22.13
C GLN B 360 -11.21 20.56 -23.23
N GLU B 361 -12.49 20.94 -23.08
CA GLU B 361 -13.16 21.82 -24.07
C GLU B 361 -12.51 23.20 -24.16
N ASN B 362 -11.73 23.55 -23.12
CA ASN B 362 -11.06 24.86 -23.13
C ASN B 362 -9.58 24.75 -23.42
N GLY B 363 -9.21 23.62 -23.98
CA GLY B 363 -7.86 23.37 -24.35
C GLY B 363 -6.88 23.15 -23.22
N TRP B 364 -7.34 22.78 -22.06
CA TRP B 364 -6.39 22.44 -21.00
C TRP B 364 -6.07 20.94 -20.99
N GLY B 365 -4.93 20.62 -20.46
CA GLY B 365 -4.63 19.24 -20.09
C GLY B 365 -5.36 18.85 -18.82
N VAL B 366 -5.42 17.55 -18.59
CA VAL B 366 -5.95 17.06 -17.33
C VAL B 366 -5.07 15.97 -16.80
N MET B 367 -4.72 16.09 -15.53
CA MET B 367 -3.93 15.07 -14.87
C MET B 367 -4.78 14.44 -13.79
N VAL B 368 -5.10 13.15 -13.92
CA VAL B 368 -5.86 12.46 -12.86
C VAL B 368 -4.93 12.22 -11.67
N SER B 369 -5.43 12.37 -10.43
CA SER B 369 -4.55 12.25 -9.28
C SER B 369 -5.15 11.42 -8.12
N HIS B 370 -4.25 10.73 -7.42
CA HIS B 370 -4.54 10.18 -6.10
C HIS B 370 -4.66 11.27 -5.04
N ARG B 371 -4.96 10.86 -3.79
CA ARG B 371 -4.71 11.76 -2.65
C ARG B 371 -3.55 11.21 -1.88
N SER B 372 -2.98 11.96 -0.97
CA SER B 372 -1.83 11.44 -0.18
C SER B 372 -2.29 10.36 0.82
N GLY B 373 -3.55 10.35 1.21
CA GLY B 373 -4.13 9.21 1.95
C GLY B 373 -4.93 8.39 0.96
N GLU B 374 -4.43 7.24 0.59
CA GLU B 374 -5.12 6.42 -0.42
C GLU B 374 -5.55 5.11 0.14
N THR B 375 -6.23 4.32 -0.67
CA THR B 375 -6.63 2.95 -0.29
C THR B 375 -6.18 1.98 -1.33
N GLU B 376 -6.60 0.72 -1.14
CA GLU B 376 -6.34 -0.30 -2.17
C GLU B 376 -7.31 -0.21 -3.38
N ASP B 377 -8.17 0.79 -3.38
CA ASP B 377 -9.03 1.05 -4.54
C ASP B 377 -8.26 1.45 -5.78
N THR B 378 -8.64 0.97 -6.93
CA THR B 378 -7.94 1.37 -8.16
C THR B 378 -8.80 2.10 -9.18
N PHE B 379 -9.95 2.62 -8.79
CA PHE B 379 -10.83 3.40 -9.68
C PHE B 379 -10.10 4.41 -10.55
N ILE B 380 -9.13 5.14 -10.01
CA ILE B 380 -8.60 6.21 -10.84
C ILE B 380 -7.77 5.69 -12.01
N ALA B 381 -7.35 4.44 -11.96
CA ALA B 381 -6.69 3.86 -13.14
C ALA B 381 -7.64 3.71 -14.31
N ASP B 382 -8.84 3.24 -14.06
CA ASP B 382 -9.84 3.11 -15.10
C ASP B 382 -10.29 4.52 -15.53
N LEU B 383 -10.29 5.45 -14.56
CA LEU B 383 -10.73 6.81 -14.82
C LEU B 383 -9.82 7.47 -15.81
N VAL B 384 -8.51 7.42 -15.59
CA VAL B 384 -7.66 8.18 -16.42
C VAL B 384 -7.64 7.63 -17.84
N VAL B 385 -7.86 6.34 -18.00
CA VAL B 385 -7.91 5.76 -19.33
C VAL B 385 -9.24 6.14 -20.04
N GLY B 386 -10.36 6.03 -19.34
CA GLY B 386 -11.67 6.32 -19.96
C GLY B 386 -11.80 7.81 -20.34
N LEU B 387 -11.23 8.70 -19.51
CA LEU B 387 -11.30 10.18 -19.77
C LEU B 387 -10.23 10.57 -20.77
N CYS B 388 -9.32 9.61 -21.09
CA CYS B 388 -8.28 9.87 -22.09
C CYS B 388 -7.39 11.07 -21.81
N THR B 389 -6.93 11.27 -20.58
CA THR B 389 -6.31 12.52 -20.27
C THR B 389 -4.80 12.50 -20.56
N GLY B 390 -4.19 11.31 -20.61
CA GLY B 390 -2.82 11.20 -20.96
C GLY B 390 -1.81 11.37 -19.82
N GLN B 391 -2.28 11.65 -18.59
CA GLN B 391 -1.31 11.78 -17.53
C GLN B 391 -2.00 11.48 -16.20
N ILE B 392 -1.26 10.79 -15.33
CA ILE B 392 -1.77 10.42 -13.98
C ILE B 392 -0.63 10.54 -13.01
N LYS B 393 -0.93 11.06 -11.80
CA LYS B 393 0.05 10.98 -10.76
C LYS B 393 -0.64 10.18 -9.63
N THR B 394 -0.04 9.08 -9.26
CA THR B 394 -0.61 8.28 -8.17
C THR B 394 0.49 7.61 -7.34
N GLY B 395 1.59 8.30 -7.14
CA GLY B 395 2.57 7.96 -6.14
C GLY B 395 3.92 7.58 -6.71
N ALA B 396 4.89 7.48 -5.83
CA ALA B 396 6.13 6.79 -6.20
C ALA B 396 5.79 5.32 -6.52
N PRO B 397 6.70 4.59 -7.16
CA PRO B 397 6.48 3.14 -7.34
C PRO B 397 6.84 2.38 -6.05
N CYS B 398 6.24 2.79 -4.96
CA CYS B 398 6.51 2.21 -3.64
C CYS B 398 5.27 2.49 -2.82
N ARG B 399 4.83 1.49 -2.05
CA ARG B 399 3.59 1.49 -1.24
C ARG B 399 2.41 1.07 -2.10
N SER B 400 1.77 -0.03 -1.76
CA SER B 400 0.78 -0.61 -2.69
C SER B 400 -0.46 0.18 -2.86
N GLU B 401 -0.77 1.17 -1.99
CA GLU B 401 -1.87 2.05 -2.39
C GLU B 401 -1.53 2.89 -3.63
N ARG B 402 -0.24 2.92 -3.95
CA ARG B 402 0.23 3.53 -5.26
C ARG B 402 0.34 2.48 -6.34
N LEU B 403 1.11 1.43 -6.03
CA LEU B 403 1.23 0.38 -7.05
C LEU B 403 -0.05 -0.24 -7.47
N ALA B 404 -1.06 -0.34 -6.56
CA ALA B 404 -2.34 -0.96 -7.00
C ALA B 404 -2.85 -0.22 -8.27
N LYS B 405 -2.70 1.09 -8.37
CA LYS B 405 -3.20 1.82 -9.55
C LYS B 405 -2.29 1.53 -10.75
N TYR B 406 -0.99 1.60 -10.51
CA TYR B 406 -0.04 1.40 -11.63
C TYR B 406 -0.15 0.00 -12.19
N ASN B 407 -0.30 -0.97 -11.30
CA ASN B 407 -0.51 -2.35 -11.78
C ASN B 407 -1.80 -2.51 -12.51
N GLN B 408 -2.87 -1.81 -12.08
CA GLN B 408 -4.12 -1.84 -12.87
C GLN B 408 -3.95 -1.20 -14.26
N LEU B 409 -3.21 -0.11 -14.34
CA LEU B 409 -2.95 0.43 -15.65
C LEU B 409 -2.17 -0.57 -16.52
N MET B 410 -1.20 -1.28 -15.98
CA MET B 410 -0.55 -2.34 -16.79
C MET B 410 -1.58 -3.34 -17.24
N ARG B 411 -2.53 -3.71 -16.37
CA ARG B 411 -3.56 -4.65 -16.82
C ARG B 411 -4.42 -4.11 -17.91
N ILE B 412 -4.78 -2.83 -17.80
CA ILE B 412 -5.66 -2.25 -18.82
C ILE B 412 -4.88 -2.20 -20.15
N GLU B 413 -3.59 -1.86 -20.12
CA GLU B 413 -2.79 -1.85 -21.34
C GLU B 413 -2.77 -3.25 -21.98
N GLU B 414 -2.56 -4.25 -21.14
CA GLU B 414 -2.61 -5.64 -21.64
C GLU B 414 -3.96 -5.98 -22.22
N GLU B 415 -5.08 -5.59 -21.60
CA GLU B 415 -6.42 -5.86 -22.11
C GLU B 415 -6.75 -5.18 -23.44
N LEU B 416 -6.12 -4.02 -23.69
CA LEU B 416 -6.37 -3.31 -24.95
C LEU B 416 -5.52 -3.89 -26.08
N GLY B 417 -4.56 -4.76 -25.74
CA GLY B 417 -3.75 -5.48 -26.74
C GLY B 417 -3.15 -4.56 -27.80
N ASP B 418 -3.29 -4.96 -29.06
CA ASP B 418 -2.92 -4.13 -30.21
C ASP B 418 -3.57 -2.73 -30.26
N GLU B 419 -4.76 -2.55 -29.71
CA GLU B 419 -5.35 -1.19 -29.71
C GLU B 419 -4.83 -0.24 -28.62
N ALA B 420 -3.83 -0.70 -27.85
CA ALA B 420 -3.19 0.15 -26.85
C ALA B 420 -2.28 1.24 -27.47
N ARG B 421 -2.53 2.51 -27.13
CA ARG B 421 -1.56 3.57 -27.40
C ARG B 421 -1.14 4.23 -26.09
N PHE B 422 0.11 4.70 -26.03
CA PHE B 422 0.67 5.36 -24.87
C PHE B 422 0.92 6.86 -25.16
N ALA B 423 0.43 7.74 -24.28
CA ALA B 423 0.49 9.16 -24.60
C ALA B 423 1.90 9.67 -24.83
N GLY B 424 2.89 9.12 -24.12
CA GLY B 424 4.30 9.48 -24.26
C GLY B 424 4.58 10.97 -24.37
N HIS B 425 5.20 11.39 -25.48
CA HIS B 425 5.59 12.79 -25.57
C HIS B 425 4.42 13.78 -25.65
N ASN B 426 3.26 13.25 -25.97
CA ASN B 426 2.00 13.93 -26.14
C ASN B 426 1.08 13.88 -24.89
N PHE B 427 1.71 13.64 -23.73
CA PHE B 427 0.98 13.65 -22.41
C PHE B 427 0.14 14.92 -22.16
N ARG B 428 0.62 16.06 -22.64
CA ARG B 428 -0.15 17.31 -22.42
C ARG B 428 -1.39 17.39 -23.28
N ASN B 429 -1.32 16.84 -24.52
CA ASN B 429 -2.42 16.91 -25.43
C ASN B 429 -2.57 15.63 -26.23
N PRO B 430 -3.07 14.57 -25.58
CA PRO B 430 -3.00 13.28 -26.24
C PRO B 430 -4.11 13.10 -27.25
N SER B 431 -5.09 14.00 -27.25
CA SER B 431 -6.12 13.96 -28.27
C SER B 431 -5.55 14.05 -29.69
N VAL B 432 -4.31 14.52 -29.87
CA VAL B 432 -3.64 14.43 -31.20
C VAL B 432 -2.89 13.10 -31.29
#